data_4LEP
#
_entry.id   4LEP
#
_cell.length_a   84.240
_cell.length_b   107.730
_cell.length_c   205.510
_cell.angle_alpha   90.00
_cell.angle_beta   90.00
_cell.angle_gamma   90.00
#
_symmetry.space_group_name_H-M   'P 21 21 21'
#
loop_
_entity.id
_entity.type
_entity.pdbx_description
1 polymer 'Proton:oligopeptide symporter POT family'
2 non-polymer N-[(1R)-1-phosphonoethyl]-L-alaninamide
3 non-polymer 'ZINC ION'
#
_entity_poly.entity_id   1
_entity_poly.type   'polypeptide(L)'
_entity_poly.pdbx_seq_one_letter_code
;MTLGTNQVSKTHSFMTVSLIELWERFGYYGMQALIVYFMVQRLGFDDSRANLVWSACAALIYVSPAIGGWVGDKILGTKR
TMLLGAGILSVGYALMTVPTENTWFMFSALGVIVVGNGLFKPNAGNLVRKIYEGDDSKIDSAFTIYYMAVNVGSTFSMLL
TPWIKDYVNAQYGNEFGWHAAFAVCCVGILVGLGNYALMHKSLANYGSEPDTRPVNKKSLAIVLALAALSVVASAIILEY
EDVARVFVYAAGVAVLGIFFHLIRTSEPSERAGLIAALILTVQTVFFFIFYQQMSTSLALFALRNVDWDFQVFGTHLWTW
SPAQFQALNPIWIMVLSPVLAWSYSWAGRNNKDFSIAAKFALGFAVVAIGFFIYGFAGQFAVNGKTSSWVMIWGYASYSL
GELLVSGLGLAMIARYVPARMGGFMMGAYFVASGISQYLGGVVANFASVPQDLVDPLQTLPVYTNLFNKLGVAAVVCTII
ALAVLPLMRRLTESHHAHSSIENNAAASLRDVKAEQAENLYFQ
;
_entity_poly.pdbx_strand_id   A,B
#
# COMPACT_ATOMS: atom_id res chain seq x y z
N SER A 9 24.82 22.74 33.18
CA SER A 9 25.70 23.36 32.20
C SER A 9 25.55 22.68 30.85
N LYS A 10 24.95 21.50 30.84
CA LYS A 10 24.72 20.74 29.59
C LYS A 10 23.74 21.48 28.66
N THR A 11 22.75 22.13 29.29
CA THR A 11 21.70 22.86 28.59
C THR A 11 22.23 24.01 27.74
N HIS A 12 23.13 24.82 28.30
CA HIS A 12 23.73 25.95 27.60
C HIS A 12 24.56 25.51 26.39
N SER A 13 25.34 24.45 26.62
CA SER A 13 26.21 23.88 25.61
C SER A 13 25.41 23.30 24.44
N PHE A 14 24.26 22.71 24.75
CA PHE A 14 23.39 22.21 23.70
C PHE A 14 22.60 23.33 22.99
N MET A 15 22.14 24.32 23.76
CA MET A 15 21.38 25.46 23.26
C MET A 15 22.14 26.20 22.16
N THR A 16 23.42 26.47 22.40
CA THR A 16 24.21 27.15 21.36
C THR A 16 24.37 26.33 20.04
N VAL A 17 24.85 25.09 20.15
CA VAL A 17 25.05 24.23 18.99
C VAL A 17 23.74 24.06 18.20
N SER A 18 22.64 24.05 18.94
CA SER A 18 21.34 23.92 18.31
C SER A 18 20.96 25.19 17.57
N LEU A 19 21.31 26.34 18.14
CA LEU A 19 21.00 27.60 17.49
C LEU A 19 21.81 27.86 16.20
N ILE A 20 23.08 27.41 16.22
CA ILE A 20 23.90 27.49 15.02
C ILE A 20 23.35 26.56 13.93
N GLU A 21 22.97 25.34 14.29
CA GLU A 21 22.35 24.45 13.32
C GLU A 21 21.06 25.07 12.72
N LEU A 22 20.27 25.73 13.59
CA LEU A 22 19.02 26.42 13.22
C LEU A 22 19.24 27.45 12.11
N TRP A 23 20.26 28.29 12.30
CA TRP A 23 20.52 29.31 11.30
C TRP A 23 21.24 28.77 10.05
N GLU A 24 21.95 27.66 10.22
CA GLU A 24 22.68 27.07 9.11
C GLU A 24 21.69 26.48 8.13
N ARG A 25 20.74 25.72 8.66
CA ARG A 25 19.71 25.13 7.82
C ARG A 25 18.72 26.18 7.33
N PHE A 26 18.61 27.26 8.07
CA PHE A 26 17.82 28.41 7.61
C PHE A 26 18.40 28.82 6.26
N GLY A 27 19.72 29.06 6.23
CA GLY A 27 20.33 29.46 4.96
C GLY A 27 20.28 28.35 3.91
N TYR A 28 20.48 27.11 4.35
CA TYR A 28 20.55 26.00 3.44
C TYR A 28 19.24 25.73 2.75
N TYR A 29 18.15 25.63 3.50
CA TYR A 29 16.86 25.32 2.89
C TYR A 29 16.25 26.54 2.22
N GLY A 30 16.66 27.71 2.72
CA GLY A 30 16.22 28.95 2.12
C GLY A 30 16.76 28.99 0.70
N MET A 31 17.95 28.39 0.51
CA MET A 31 18.52 28.25 -0.82
C MET A 31 17.87 27.10 -1.62
N GLN A 32 17.79 25.92 -1.00
CA GLN A 32 17.23 24.74 -1.64
C GLN A 32 15.89 24.98 -2.30
N ALA A 33 14.95 25.62 -1.59
CA ALA A 33 13.63 25.83 -2.17
C ALA A 33 13.67 26.60 -3.52
N LEU A 34 14.62 27.53 -3.61
CA LEU A 34 14.66 28.48 -4.70
C LEU A 34 15.59 28.10 -5.81
N ILE A 35 16.60 27.28 -5.53
CA ILE A 35 17.68 27.03 -6.52
C ILE A 35 17.22 26.43 -7.85
N VAL A 36 16.35 25.45 -7.75
CA VAL A 36 15.78 24.79 -8.90
C VAL A 36 14.86 25.76 -9.70
N TYR A 37 14.09 26.59 -9.00
CA TYR A 37 13.29 27.65 -9.62
C TYR A 37 14.20 28.72 -10.30
N PHE A 38 15.36 28.97 -9.68
CA PHE A 38 16.32 29.94 -10.16
C PHE A 38 16.89 29.47 -11.48
N MET A 39 17.16 28.19 -11.57
CA MET A 39 17.71 27.65 -12.80
C MET A 39 16.65 27.65 -13.84
N VAL A 40 15.39 27.48 -13.44
CA VAL A 40 14.33 27.48 -14.45
C VAL A 40 13.77 28.87 -14.85
N GLN A 41 13.52 29.74 -13.87
CA GLN A 41 12.92 31.04 -14.09
C GLN A 41 13.91 32.18 -14.42
N ARG A 42 14.95 32.31 -13.62
CA ARG A 42 15.96 33.35 -13.85
C ARG A 42 16.97 32.91 -14.92
N LEU A 43 17.50 31.71 -14.77
CA LEU A 43 18.36 31.10 -15.81
C LEU A 43 17.46 30.32 -16.76
N GLY A 44 18.01 29.87 -17.89
CA GLY A 44 17.17 29.24 -18.87
C GLY A 44 17.21 27.73 -18.89
N PHE A 45 17.52 27.10 -17.77
CA PHE A 45 17.61 25.65 -17.71
C PHE A 45 16.27 24.94 -18.01
N ASP A 46 16.34 23.83 -18.75
CA ASP A 46 15.14 22.99 -18.91
C ASP A 46 15.03 22.03 -17.70
N ASP A 47 13.79 21.69 -17.32
CA ASP A 47 13.54 20.88 -16.12
C ASP A 47 14.35 19.59 -16.12
N SER A 48 14.70 19.10 -17.31
CA SER A 48 15.47 17.88 -17.42
C SER A 48 16.82 18.12 -16.73
N ARG A 49 17.54 19.14 -17.21
CA ARG A 49 18.87 19.47 -16.69
C ARG A 49 18.74 20.10 -15.31
N ALA A 50 17.76 20.97 -15.11
CA ALA A 50 17.57 21.59 -13.80
C ALA A 50 17.46 20.52 -12.72
N ASN A 51 16.65 19.49 -12.97
CA ASN A 51 16.54 18.37 -12.04
C ASN A 51 17.88 17.65 -11.85
N LEU A 52 18.53 17.31 -12.96
CA LEU A 52 19.80 16.57 -12.86
C LEU A 52 20.90 17.31 -12.12
N VAL A 53 21.06 18.58 -12.42
CA VAL A 53 22.08 19.44 -11.81
C VAL A 53 21.84 19.60 -10.32
N TRP A 54 20.59 19.91 -9.95
CA TRP A 54 20.28 19.97 -8.53
C TRP A 54 20.41 18.64 -7.79
N SER A 55 19.99 17.56 -8.43
CA SER A 55 20.09 16.24 -7.80
C SER A 55 21.53 15.72 -7.64
N ALA A 56 22.42 16.10 -8.56
CA ALA A 56 23.84 15.75 -8.44
C ALA A 56 24.48 16.57 -7.31
N CYS A 57 24.01 17.82 -7.19
CA CYS A 57 24.43 18.67 -6.10
C CYS A 57 23.97 18.08 -4.78
N ALA A 58 22.77 17.55 -4.75
CA ALA A 58 22.24 16.95 -3.53
C ALA A 58 23.01 15.69 -3.17
N ALA A 59 23.41 14.93 -4.19
CA ALA A 59 24.14 13.68 -3.97
C ALA A 59 25.45 14.00 -3.31
N LEU A 60 26.14 15.01 -3.86
CA LEU A 60 27.41 15.44 -3.31
C LEU A 60 27.20 15.97 -1.89
N ILE A 61 26.12 16.71 -1.69
CA ILE A 61 25.88 17.29 -0.39
C ILE A 61 25.67 16.20 0.69
N TYR A 62 24.93 15.18 0.33
CA TYR A 62 24.65 14.09 1.26
C TYR A 62 25.92 13.33 1.57
N VAL A 63 26.76 13.12 0.55
CA VAL A 63 27.98 12.32 0.69
C VAL A 63 29.20 13.11 1.24
N SER A 64 29.03 14.42 1.34
CA SER A 64 30.04 15.36 1.85
C SER A 64 30.54 15.17 3.30
N PRO A 65 29.62 14.99 4.27
CA PRO A 65 30.05 14.85 5.68
C PRO A 65 30.92 13.61 5.95
N ALA A 66 31.07 12.75 4.94
CA ALA A 66 31.92 11.56 5.06
C ALA A 66 33.38 11.95 5.28
N ILE A 67 33.89 12.82 4.39
CA ILE A 67 35.28 13.25 4.46
C ILE A 67 35.54 14.22 5.61
N GLY A 68 34.75 15.29 5.64
CA GLY A 68 34.82 16.31 6.67
C GLY A 68 34.59 15.85 8.11
N GLY A 69 33.87 14.75 8.29
CA GLY A 69 33.66 14.22 9.61
C GLY A 69 34.99 13.77 10.16
N TRP A 70 35.76 13.07 9.33
CA TRP A 70 37.07 12.57 9.73
C TRP A 70 38.08 13.70 9.92
N VAL A 71 37.90 14.78 9.15
CA VAL A 71 38.72 16.00 9.21
C VAL A 71 38.65 16.71 10.55
N GLY A 72 37.44 16.91 11.06
CA GLY A 72 37.23 17.53 12.34
C GLY A 72 37.62 16.62 13.50
N ASP A 73 37.48 15.32 13.30
CA ASP A 73 37.76 14.37 14.37
C ASP A 73 39.24 13.95 14.48
N LYS A 74 39.95 13.97 13.36
CA LYS A 74 41.35 13.47 13.28
C LYS A 74 42.41 14.46 12.74
N ILE A 75 42.02 15.37 11.83
CA ILE A 75 42.97 16.33 11.23
C ILE A 75 43.01 17.68 11.95
N LEU A 76 41.90 18.38 12.03
CA LEU A 76 41.79 19.66 12.75
C LEU A 76 40.86 19.51 13.96
N GLY A 77 40.34 20.62 14.47
CA GLY A 77 39.40 20.56 15.58
C GLY A 77 37.94 20.29 15.20
N THR A 78 37.17 19.65 16.08
CA THR A 78 35.75 19.41 15.79
C THR A 78 34.97 20.73 15.79
N LYS A 79 35.15 21.53 16.84
CA LYS A 79 34.53 22.85 16.92
C LYS A 79 35.11 23.75 15.82
N ARG A 80 36.45 23.71 15.63
CA ARG A 80 37.18 24.48 14.60
C ARG A 80 36.78 24.15 13.14
N THR A 81 36.63 22.86 12.86
CA THR A 81 36.18 22.43 11.53
C THR A 81 34.72 22.84 11.31
N MET A 82 33.91 22.77 12.36
CA MET A 82 32.54 23.22 12.29
C MET A 82 32.50 24.72 11.94
N LEU A 83 33.23 25.53 12.70
CA LEU A 83 33.28 26.97 12.48
C LEU A 83 33.79 27.32 11.07
N LEU A 84 34.77 26.54 10.60
CA LEU A 84 35.36 26.73 9.27
C LEU A 84 34.35 26.44 8.16
N GLY A 85 33.66 25.31 8.30
CA GLY A 85 32.67 24.92 7.33
C GLY A 85 31.59 25.96 7.26
N ALA A 86 31.23 26.54 8.40
CA ALA A 86 30.21 27.58 8.47
C ALA A 86 30.62 28.85 7.75
N GLY A 87 31.89 29.22 7.88
CA GLY A 87 32.38 30.34 7.11
C GLY A 87 32.40 30.08 5.60
N ILE A 88 32.76 28.85 5.23
CA ILE A 88 32.80 28.44 3.83
C ILE A 88 31.38 28.45 3.22
N LEU A 89 30.42 28.03 4.01
CA LEU A 89 29.05 28.05 3.58
C LEU A 89 28.64 29.53 3.41
N SER A 90 29.05 30.37 4.35
CA SER A 90 28.74 31.79 4.32
C SER A 90 29.24 32.45 3.02
N VAL A 91 30.49 32.15 2.66
CA VAL A 91 31.03 32.66 1.41
C VAL A 91 30.36 31.98 0.18
N GLY A 92 29.75 30.82 0.43
CA GLY A 92 29.04 30.10 -0.59
C GLY A 92 27.82 30.89 -1.04
N TYR A 93 26.98 31.33 -0.09
CA TYR A 93 25.80 32.14 -0.44
C TYR A 93 26.22 33.56 -0.81
N ALA A 94 27.40 33.96 -0.34
CA ALA A 94 27.92 35.27 -0.66
C ALA A 94 28.17 35.32 -2.14
N LEU A 95 28.51 34.18 -2.73
CA LEU A 95 28.81 34.10 -4.17
C LEU A 95 27.51 34.10 -5.01
N MET A 96 26.42 33.81 -4.33
CA MET A 96 25.10 33.71 -4.96
C MET A 96 24.37 35.04 -5.06
N THR A 97 24.99 36.09 -4.52
CA THR A 97 24.35 37.40 -4.53
C THR A 97 24.73 38.27 -5.73
N VAL A 98 25.80 37.90 -6.42
CA VAL A 98 26.19 38.58 -7.63
C VAL A 98 25.25 38.14 -8.81
N PRO A 99 24.80 39.09 -9.67
CA PRO A 99 23.86 38.87 -10.80
C PRO A 99 23.84 37.56 -11.64
N THR A 100 24.34 37.55 -12.87
CA THR A 100 24.25 36.34 -13.71
C THR A 100 25.65 35.87 -14.05
N GLU A 101 26.34 36.68 -14.86
CA GLU A 101 27.71 36.40 -15.25
C GLU A 101 27.83 35.03 -15.89
N ASN A 102 29.04 34.49 -15.96
CA ASN A 102 29.20 33.16 -16.47
C ASN A 102 28.40 32.19 -15.60
N THR A 103 27.80 31.19 -16.24
CA THR A 103 26.98 30.21 -15.56
C THR A 103 27.81 29.56 -14.44
N TRP A 104 29.10 29.40 -14.71
CA TRP A 104 30.12 28.83 -13.83
C TRP A 104 30.19 29.49 -12.46
N PHE A 105 29.65 30.71 -12.33
CA PHE A 105 29.58 31.41 -11.03
C PHE A 105 28.72 30.66 -10.03
N MET A 106 27.60 30.15 -10.50
CA MET A 106 26.69 29.41 -9.63
C MET A 106 27.22 28.04 -9.27
N PHE A 107 27.70 27.31 -10.28
CA PHE A 107 28.19 25.96 -10.07
C PHE A 107 29.30 25.98 -9.01
N SER A 108 30.15 26.98 -9.10
CA SER A 108 31.20 27.12 -8.13
C SER A 108 30.61 27.38 -6.76
N ALA A 109 29.68 28.33 -6.68
CA ALA A 109 29.01 28.62 -5.44
C ALA A 109 28.43 27.33 -4.87
N LEU A 110 27.87 26.47 -5.73
CA LEU A 110 27.21 25.29 -5.20
C LEU A 110 28.26 24.38 -4.60
N GLY A 111 29.37 24.32 -5.32
CA GLY A 111 30.47 23.49 -4.94
C GLY A 111 30.99 23.95 -3.61
N VAL A 112 30.97 25.27 -3.38
CA VAL A 112 31.45 25.80 -2.09
C VAL A 112 30.52 25.34 -0.98
N ILE A 113 29.21 25.39 -1.27
CA ILE A 113 28.23 24.94 -0.31
C ILE A 113 28.46 23.47 -0.04
N VAL A 114 28.82 22.70 -1.07
CA VAL A 114 29.10 21.28 -0.88
C VAL A 114 30.20 21.12 0.19
N VAL A 115 31.32 21.80 -0.06
CA VAL A 115 32.47 21.72 0.83
C VAL A 115 32.07 22.23 2.23
N GLY A 116 31.33 23.34 2.27
CA GLY A 116 30.93 23.90 3.56
C GLY A 116 30.06 22.93 4.38
N ASN A 117 29.18 22.26 3.64
CA ASN A 117 28.29 21.33 4.27
C ASN A 117 29.11 20.22 4.94
N GLY A 118 30.03 19.66 4.17
CA GLY A 118 30.84 18.56 4.61
C GLY A 118 31.64 18.88 5.85
N LEU A 119 31.90 20.18 6.08
CA LEU A 119 32.71 20.46 7.26
C LEU A 119 31.88 20.90 8.47
N PHE A 120 30.62 21.24 8.20
CA PHE A 120 29.73 21.69 9.27
C PHE A 120 28.85 20.58 9.79
N LYS A 121 28.06 20.00 8.89
CA LYS A 121 27.04 19.00 9.26
C LYS A 121 27.47 17.87 10.19
N PRO A 122 28.57 17.17 9.87
CA PRO A 122 28.94 16.04 10.74
C PRO A 122 29.47 16.45 12.09
N ASN A 123 30.24 17.54 12.11
CA ASN A 123 30.86 18.04 13.33
C ASN A 123 29.87 18.72 14.28
N ALA A 124 28.93 19.45 13.72
CA ALA A 124 27.91 20.10 14.54
C ALA A 124 27.07 19.04 15.25
N GLY A 125 26.83 17.95 14.54
CA GLY A 125 26.10 16.82 15.08
C GLY A 125 26.94 16.02 16.06
N ASN A 126 28.24 15.96 15.80
CA ASN A 126 29.17 15.25 16.69
C ASN A 126 29.22 15.90 18.04
N LEU A 127 29.10 17.22 18.07
CA LEU A 127 29.07 17.94 19.35
C LEU A 127 27.87 17.57 20.20
N VAL A 128 26.71 17.42 19.57
CA VAL A 128 25.51 16.96 20.26
C VAL A 128 25.69 15.53 20.80
N ARG A 129 26.40 14.69 20.06
CA ARG A 129 26.68 13.31 20.50
C ARG A 129 27.64 13.31 21.69
N LYS A 130 28.60 14.24 21.68
CA LYS A 130 29.57 14.37 22.76
C LYS A 130 28.98 15.09 24.00
N ILE A 131 28.92 16.42 23.94
CA ILE A 131 28.35 17.22 25.04
C ILE A 131 26.83 17.10 25.13
N TYR A 132 26.35 17.09 26.37
CA TYR A 132 24.93 16.92 26.73
C TYR A 132 24.33 15.59 26.29
N GLU A 133 24.82 14.49 26.88
CA GLU A 133 25.85 14.54 27.92
C GLU A 133 27.03 13.62 27.61
N GLY A 134 26.80 12.58 26.82
CA GLY A 134 27.87 11.65 26.49
C GLY A 134 27.68 10.28 27.12
N ASP A 135 27.40 9.29 26.29
CA ASP A 135 27.15 7.91 26.73
C ASP A 135 25.96 7.83 27.70
N ASP A 136 24.80 8.23 27.20
CA ASP A 136 23.55 8.21 27.97
C ASP A 136 22.34 8.10 27.03
N SER A 137 21.16 7.79 27.57
CA SER A 137 19.96 7.69 26.74
C SER A 137 19.52 9.09 26.26
N LYS A 138 19.97 10.11 26.98
CA LYS A 138 19.62 11.51 26.75
C LYS A 138 19.95 11.92 25.32
N ILE A 139 20.98 11.28 24.77
CA ILE A 139 21.43 11.56 23.42
C ILE A 139 20.28 11.44 22.43
N ASP A 140 19.50 10.36 22.52
CA ASP A 140 18.40 10.17 21.59
C ASP A 140 17.37 11.27 21.72
N SER A 141 17.15 11.70 22.96
CA SER A 141 16.18 12.76 23.21
C SER A 141 16.75 14.08 22.65
N ALA A 142 18.06 14.21 22.79
CA ALA A 142 18.69 15.45 22.40
C ALA A 142 18.60 15.65 20.89
N PHE A 143 18.94 14.59 20.16
CA PHE A 143 18.92 14.59 18.72
C PHE A 143 17.53 14.84 18.20
N THR A 144 16.50 14.55 19.02
CA THR A 144 15.16 14.87 18.50
C THR A 144 14.91 16.37 18.63
N ILE A 145 15.33 16.95 19.73
CA ILE A 145 15.13 18.37 19.91
C ILE A 145 15.93 19.09 18.83
N TYR A 146 17.14 18.59 18.58
CA TYR A 146 18.02 19.09 17.54
C TYR A 146 17.35 18.90 16.18
N TYR A 147 16.64 17.79 16.01
CA TYR A 147 15.99 17.52 14.74
C TYR A 147 14.95 18.62 14.55
N MET A 148 14.26 18.95 15.64
CA MET A 148 13.21 19.94 15.55
C MET A 148 13.82 21.32 15.27
N ALA A 149 15.06 21.50 15.74
CA ALA A 149 15.72 22.78 15.59
C ALA A 149 15.92 23.04 14.12
N VAL A 150 16.09 21.97 13.36
CA VAL A 150 16.25 22.15 11.94
C VAL A 150 14.92 22.64 11.38
N ASN A 151 13.85 21.94 11.76
CA ASN A 151 12.51 22.23 11.26
C ASN A 151 12.00 23.61 11.58
N VAL A 152 12.28 24.12 12.77
CA VAL A 152 11.85 25.45 13.08
C VAL A 152 12.62 26.40 12.15
N GLY A 153 13.93 26.21 12.01
CA GLY A 153 14.73 27.13 11.22
C GLY A 153 14.26 27.16 9.76
N SER A 154 14.28 25.97 9.15
CA SER A 154 13.91 25.79 7.75
C SER A 154 12.47 26.22 7.49
N THR A 155 11.71 26.45 8.56
CA THR A 155 10.41 27.03 8.35
C THR A 155 10.60 28.51 7.93
N PHE A 156 11.16 29.33 8.81
CA PHE A 156 11.23 30.75 8.53
C PHE A 156 11.95 31.10 7.25
N SER A 157 12.79 30.18 6.78
CA SER A 157 13.55 30.40 5.54
C SER A 157 12.68 30.13 4.33
N MET A 158 12.09 28.94 4.32
CA MET A 158 11.35 28.52 3.15
C MET A 158 10.06 29.32 2.95
N LEU A 159 9.81 30.23 3.87
CA LEU A 159 8.65 31.12 3.79
C LEU A 159 9.10 32.57 3.47
N LEU A 160 10.26 32.93 3.99
CA LEU A 160 10.73 34.30 3.82
C LEU A 160 11.43 34.51 2.48
N THR A 161 12.35 33.62 2.16
CA THR A 161 13.15 33.76 0.94
C THR A 161 12.37 33.82 -0.39
N PRO A 162 11.36 32.96 -0.58
CA PRO A 162 10.65 33.12 -1.85
C PRO A 162 9.84 34.41 -1.87
N TRP A 163 9.38 34.81 -0.67
CA TRP A 163 8.57 36.00 -0.48
C TRP A 163 9.42 37.23 -0.74
N ILE A 164 10.68 37.18 -0.29
CA ILE A 164 11.67 38.23 -0.49
C ILE A 164 12.13 38.24 -1.94
N LYS A 165 12.19 37.06 -2.53
CA LYS A 165 12.52 36.92 -3.95
C LYS A 165 11.43 37.58 -4.80
N ASP A 166 10.17 37.25 -4.50
CA ASP A 166 9.05 37.86 -5.19
C ASP A 166 9.05 39.38 -5.00
N TYR A 167 9.14 39.83 -3.73
CA TYR A 167 9.03 41.24 -3.38
C TYR A 167 10.12 42.11 -3.99
N VAL A 168 11.36 41.66 -3.90
CA VAL A 168 12.45 42.44 -4.47
C VAL A 168 12.39 42.46 -6.00
N ASN A 169 11.93 41.38 -6.62
CA ASN A 169 11.76 41.37 -8.08
C ASN A 169 10.78 42.42 -8.58
N ALA A 170 9.83 42.80 -7.70
CA ALA A 170 8.80 43.78 -8.04
C ALA A 170 9.31 45.20 -7.95
N GLN A 171 10.20 45.42 -6.99
CA GLN A 171 10.82 46.73 -6.76
C GLN A 171 11.95 47.01 -7.77
N TYR A 172 12.80 46.01 -7.98
CA TYR A 172 13.90 46.09 -8.94
C TYR A 172 13.97 44.82 -9.82
N GLY A 173 13.77 44.97 -11.12
CA GLY A 173 13.73 43.83 -12.01
C GLY A 173 14.99 42.97 -12.12
N ASN A 174 14.82 41.67 -11.85
CA ASN A 174 15.87 40.62 -11.93
C ASN A 174 16.97 40.65 -10.85
N GLU A 175 17.59 41.82 -10.68
CA GLU A 175 18.65 42.03 -9.69
C GLU A 175 18.24 43.13 -8.69
N PHE A 176 18.25 42.83 -7.40
CA PHE A 176 18.69 41.55 -6.83
C PHE A 176 17.66 40.42 -7.03
N GLY A 177 16.42 40.65 -6.62
CA GLY A 177 15.36 39.67 -6.77
C GLY A 177 15.66 38.33 -6.15
N TRP A 178 16.24 37.44 -6.95
CA TRP A 178 16.66 36.12 -6.48
C TRP A 178 17.88 36.25 -5.54
N HIS A 179 18.81 37.11 -5.94
CA HIS A 179 20.04 37.32 -5.18
C HIS A 179 19.78 37.99 -3.84
N ALA A 180 18.68 38.70 -3.74
CA ALA A 180 18.29 39.27 -2.47
C ALA A 180 17.99 38.11 -1.53
N ALA A 181 17.35 37.10 -2.10
CA ALA A 181 16.98 35.95 -1.31
C ALA A 181 18.24 35.19 -0.90
N PHE A 182 19.17 35.08 -1.84
CA PHE A 182 20.41 34.39 -1.49
C PHE A 182 21.21 35.18 -0.44
N ALA A 183 21.01 36.49 -0.40
CA ALA A 183 21.65 37.33 0.60
C ALA A 183 21.05 37.05 1.96
N VAL A 184 19.75 36.74 1.96
CA VAL A 184 19.09 36.34 3.18
C VAL A 184 19.72 35.05 3.72
N CYS A 185 20.02 34.12 2.83
CA CYS A 185 20.70 32.89 3.24
C CYS A 185 22.04 33.25 3.93
N CYS A 186 22.75 34.13 3.24
CA CYS A 186 24.09 34.50 3.62
C CYS A 186 24.10 35.11 5.02
N VAL A 187 23.25 36.11 5.22
CA VAL A 187 23.17 36.77 6.51
C VAL A 187 22.64 35.85 7.60
N GLY A 188 21.88 34.84 7.21
CA GLY A 188 21.45 33.86 8.18
C GLY A 188 22.67 33.14 8.75
N ILE A 189 23.58 32.78 7.84
CA ILE A 189 24.81 32.10 8.29
C ILE A 189 25.58 33.06 9.20
N LEU A 190 25.65 34.33 8.77
CA LEU A 190 26.35 35.36 9.52
C LEU A 190 25.67 35.73 10.85
N VAL A 191 24.48 35.19 11.06
CA VAL A 191 23.74 35.37 12.30
C VAL A 191 24.05 34.22 13.24
N GLY A 192 24.03 33.00 12.71
CA GLY A 192 24.35 31.85 13.54
C GLY A 192 25.81 31.80 13.93
N LEU A 193 26.67 31.77 12.91
CA LEU A 193 28.11 31.72 13.08
C LEU A 193 28.64 33.01 13.69
N GLY A 194 28.05 34.13 13.26
CA GLY A 194 28.46 35.44 13.71
C GLY A 194 28.14 35.73 15.17
N ASN A 195 27.17 35.02 15.73
CA ASN A 195 26.81 35.22 17.13
C ASN A 195 27.03 33.98 17.97
N TYR A 196 26.04 33.11 17.94
CA TYR A 196 25.98 31.91 18.78
C TYR A 196 27.24 31.03 18.82
N ALA A 197 27.97 30.98 17.71
CA ALA A 197 29.15 30.12 17.59
C ALA A 197 30.32 30.57 18.47
N LEU A 198 30.31 31.86 18.80
CA LEU A 198 31.36 32.42 19.64
C LEU A 198 30.88 32.80 21.06
N MET A 199 29.59 32.58 21.30
CA MET A 199 28.99 32.88 22.58
C MET A 199 29.43 31.92 23.66
N HIS A 200 29.53 30.65 23.31
CA HIS A 200 29.90 29.62 24.27
C HIS A 200 31.16 28.86 23.85
N LYS A 201 31.86 28.27 24.83
CA LYS A 201 33.05 27.45 24.55
C LYS A 201 32.93 26.05 25.18
N SER A 202 32.53 25.10 24.32
CA SER A 202 32.35 23.71 24.71
C SER A 202 33.54 22.84 24.28
N LEU A 203 33.74 21.71 24.97
CA LEU A 203 34.86 20.80 24.70
C LEU A 203 34.62 19.85 23.50
N ALA A 204 35.61 19.76 22.60
CA ALA A 204 35.52 18.91 21.40
C ALA A 204 36.62 17.82 21.32
N ASN A 205 37.27 17.65 20.17
CA ASN A 205 38.32 16.62 20.03
C ASN A 205 39.73 17.22 20.05
N TYR A 206 40.05 18.03 19.04
CA TYR A 206 41.36 18.67 18.97
C TYR A 206 41.32 20.08 19.60
N GLY A 207 41.91 20.21 20.78
CA GLY A 207 41.86 21.46 21.55
C GLY A 207 42.33 21.26 22.98
N VAL A 215 46.04 25.12 16.45
CA VAL A 215 45.74 24.56 15.12
C VAL A 215 46.99 24.34 14.24
N ASN A 216 47.09 23.14 13.68
CA ASN A 216 48.22 22.76 12.83
C ASN A 216 48.14 23.49 11.49
N LYS A 217 49.09 24.39 11.25
CA LYS A 217 49.08 25.21 10.04
C LYS A 217 49.34 24.40 8.76
N LYS A 218 50.19 23.37 8.85
CA LYS A 218 50.44 22.49 7.71
C LYS A 218 49.15 21.74 7.36
N SER A 219 48.46 21.25 8.39
CA SER A 219 47.20 20.54 8.18
C SER A 219 46.08 21.49 7.75
N LEU A 220 46.06 22.71 8.31
CA LEU A 220 45.06 23.70 7.95
C LEU A 220 45.20 24.09 6.48
N ALA A 221 46.44 24.33 6.09
CA ALA A 221 46.73 24.65 4.71
C ALA A 221 46.35 23.51 3.77
N ILE A 222 46.84 22.30 4.04
CA ILE A 222 46.55 21.17 3.16
C ILE A 222 45.04 20.93 3.04
N VAL A 223 44.31 21.21 4.12
CA VAL A 223 42.85 21.11 4.08
C VAL A 223 42.21 22.19 3.19
N LEU A 224 42.61 23.47 3.36
CA LEU A 224 42.05 24.58 2.59
C LEU A 224 42.32 24.45 1.10
N ALA A 225 43.53 23.98 0.78
CA ALA A 225 43.93 23.75 -0.59
C ALA A 225 43.04 22.68 -1.21
N LEU A 226 42.90 21.56 -0.49
CA LEU A 226 42.08 20.50 -1.01
C LEU A 226 40.60 20.92 -1.12
N ALA A 227 40.17 21.84 -0.26
CA ALA A 227 38.80 22.34 -0.25
C ALA A 227 38.52 23.20 -1.48
N ALA A 228 39.47 24.06 -1.82
CA ALA A 228 39.35 24.86 -3.00
C ALA A 228 39.30 23.93 -4.23
N LEU A 229 40.17 22.91 -4.23
CA LEU A 229 40.20 21.95 -5.31
C LEU A 229 38.89 21.19 -5.43
N SER A 230 38.27 20.89 -4.29
CA SER A 230 37.03 20.15 -4.30
C SER A 230 35.92 21.03 -4.83
N VAL A 231 36.03 22.34 -4.60
CA VAL A 231 35.05 23.27 -5.16
C VAL A 231 35.18 23.23 -6.68
N VAL A 232 36.41 23.27 -7.18
CA VAL A 232 36.61 23.13 -8.62
C VAL A 232 36.02 21.82 -9.18
N ALA A 233 36.39 20.69 -8.55
CA ALA A 233 35.93 19.39 -9.03
C ALA A 233 34.38 19.26 -8.99
N SER A 234 33.76 19.82 -7.96
CA SER A 234 32.29 19.83 -7.84
C SER A 234 31.66 20.67 -8.93
N ALA A 235 32.24 21.86 -9.19
CA ALA A 235 31.74 22.74 -10.23
C ALA A 235 31.73 22.02 -11.58
N ILE A 236 32.83 21.31 -11.87
CA ILE A 236 32.94 20.57 -13.13
C ILE A 236 31.94 19.40 -13.22
N ILE A 237 31.71 18.69 -12.12
CA ILE A 237 30.67 17.64 -12.20
C ILE A 237 29.24 18.22 -12.32
N LEU A 238 29.00 19.39 -11.77
CA LEU A 238 27.68 19.99 -11.90
C LEU A 238 27.41 20.59 -13.28
N GLU A 239 28.37 21.36 -13.81
CA GLU A 239 28.21 22.01 -15.12
C GLU A 239 28.07 20.93 -16.20
N TYR A 240 28.99 19.98 -16.19
CA TYR A 240 28.98 18.91 -17.18
C TYR A 240 28.09 17.73 -16.77
N GLU A 241 26.90 17.68 -17.38
CA GLU A 241 25.84 16.71 -17.11
C GLU A 241 26.36 15.26 -17.17
N ASP A 242 27.06 14.95 -18.25
CA ASP A 242 27.54 13.60 -18.52
C ASP A 242 28.62 13.18 -17.53
N VAL A 243 29.37 14.15 -17.04
CA VAL A 243 30.42 13.90 -16.04
C VAL A 243 29.86 13.35 -14.75
N ALA A 244 28.84 14.02 -14.24
CA ALA A 244 28.18 13.54 -13.04
C ALA A 244 27.52 12.21 -13.30
N ARG A 245 26.95 12.02 -14.50
CA ARG A 245 26.33 10.73 -14.83
C ARG A 245 27.35 9.59 -14.67
N VAL A 246 28.56 9.83 -15.17
CA VAL A 246 29.62 8.83 -15.04
C VAL A 246 30.10 8.67 -13.61
N PHE A 247 30.20 9.77 -12.88
CA PHE A 247 30.60 9.76 -11.48
C PHE A 247 29.64 8.91 -10.64
N VAL A 248 28.34 9.07 -10.90
CA VAL A 248 27.30 8.34 -10.20
C VAL A 248 27.32 6.86 -10.57
N TYR A 249 27.50 6.59 -11.87
CA TYR A 249 27.59 5.23 -12.41
C TYR A 249 28.77 4.45 -11.79
N ALA A 250 29.90 5.13 -11.72
CA ALA A 250 31.10 4.62 -11.08
C ALA A 250 30.86 4.35 -9.60
N ALA A 251 30.18 5.28 -8.93
CA ALA A 251 29.83 5.09 -7.52
C ALA A 251 28.86 3.88 -7.32
N GLY A 252 28.03 3.63 -8.33
CA GLY A 252 27.08 2.53 -8.28
C GLY A 252 27.74 1.16 -8.45
N VAL A 253 28.67 1.10 -9.40
CA VAL A 253 29.44 -0.13 -9.59
C VAL A 253 30.28 -0.37 -8.33
N ALA A 254 30.70 0.71 -7.70
CA ALA A 254 31.41 0.59 -6.44
C ALA A 254 30.56 -0.04 -5.31
N VAL A 255 29.40 0.55 -5.05
CA VAL A 255 28.55 0.04 -3.97
C VAL A 255 28.08 -1.42 -4.21
N LEU A 256 27.65 -1.70 -5.44
CA LEU A 256 27.23 -3.04 -5.80
C LEU A 256 28.39 -4.05 -5.66
N GLY A 257 29.61 -3.60 -5.95
CA GLY A 257 30.74 -4.50 -5.83
C GLY A 257 31.01 -4.83 -4.37
N ILE A 258 30.93 -3.83 -3.48
CA ILE A 258 31.17 -4.07 -2.06
C ILE A 258 30.19 -5.11 -1.52
N PHE A 259 28.90 -4.96 -1.86
CA PHE A 259 27.93 -5.98 -1.42
C PHE A 259 28.18 -7.40 -2.02
N PHE A 260 28.73 -7.39 -3.25
CA PHE A 260 29.06 -8.63 -3.96
C PHE A 260 30.16 -9.38 -3.20
N HIS A 261 31.09 -8.65 -2.58
CA HIS A 261 32.16 -9.30 -1.81
C HIS A 261 31.72 -9.66 -0.39
N LEU A 262 30.80 -8.88 0.18
CA LEU A 262 30.32 -9.15 1.53
C LEU A 262 29.55 -10.45 1.62
N ILE A 263 28.69 -10.71 0.63
CA ILE A 263 27.95 -11.98 0.69
C ILE A 263 28.79 -13.27 0.46
N ARG A 264 29.91 -13.14 -0.23
CA ARG A 264 30.82 -14.26 -0.47
C ARG A 264 31.54 -14.72 0.80
N PRO A 268 26.69 -18.83 5.41
CA PRO A 268 25.37 -19.40 5.71
C PRO A 268 24.63 -18.64 6.81
N SER A 269 25.31 -18.43 7.94
CA SER A 269 24.71 -17.72 9.08
C SER A 269 24.71 -16.20 8.85
N GLU A 270 25.75 -15.68 8.20
CA GLU A 270 25.86 -14.25 7.95
C GLU A 270 24.81 -13.78 6.92
N ARG A 271 24.43 -14.69 6.03
CA ARG A 271 23.47 -14.42 4.95
C ARG A 271 22.11 -13.89 5.42
N ALA A 272 21.65 -14.36 6.58
CA ALA A 272 20.38 -13.91 7.13
C ALA A 272 20.36 -12.40 7.38
N GLY A 273 21.50 -11.82 7.74
CA GLY A 273 21.52 -10.40 8.04
C GLY A 273 21.84 -9.58 6.82
N LEU A 274 22.88 -10.04 6.11
CA LEU A 274 23.41 -9.35 4.95
C LEU A 274 22.36 -9.18 3.87
N ILE A 275 21.64 -10.26 3.56
CA ILE A 275 20.61 -10.18 2.54
C ILE A 275 19.56 -9.17 3.00
N ALA A 276 19.24 -9.20 4.29
CA ALA A 276 18.25 -8.27 4.81
C ALA A 276 18.77 -6.85 4.65
N ALA A 277 20.05 -6.67 4.94
CA ALA A 277 20.63 -5.34 4.85
C ALA A 277 20.54 -4.88 3.41
N LEU A 278 20.77 -5.81 2.48
CA LEU A 278 20.79 -5.47 1.07
C LEU A 278 19.41 -5.00 0.66
N ILE A 279 18.39 -5.58 1.27
CA ILE A 279 17.05 -5.19 0.92
C ILE A 279 16.83 -3.81 1.53
N LEU A 280 17.27 -3.65 2.78
CA LEU A 280 17.05 -2.42 3.51
C LEU A 280 17.67 -1.26 2.78
N THR A 281 18.93 -1.42 2.38
CA THR A 281 19.60 -0.35 1.69
C THR A 281 18.85 0.00 0.38
N VAL A 282 18.37 -0.99 -0.35
CA VAL A 282 17.72 -0.64 -1.60
C VAL A 282 16.42 0.08 -1.31
N GLN A 283 15.76 -0.29 -0.22
CA GLN A 283 14.55 0.41 0.12
C GLN A 283 14.88 1.82 0.53
N THR A 284 15.98 1.99 1.24
CA THR A 284 16.40 3.31 1.62
C THR A 284 16.59 4.09 0.33
N VAL A 285 17.25 3.46 -0.64
CA VAL A 285 17.47 4.10 -1.91
C VAL A 285 16.13 4.51 -2.50
N PHE A 286 15.18 3.57 -2.52
CA PHE A 286 13.85 3.83 -3.04
C PHE A 286 13.26 5.04 -2.33
N PHE A 287 13.40 5.09 -1.01
CA PHE A 287 12.77 6.18 -0.28
C PHE A 287 13.34 7.52 -0.70
N PHE A 288 14.67 7.57 -0.85
CA PHE A 288 15.27 8.87 -1.16
C PHE A 288 14.77 9.35 -2.49
N ILE A 289 14.43 8.38 -3.34
CA ILE A 289 13.96 8.75 -4.66
C ILE A 289 12.65 9.50 -4.48
N PHE A 290 11.72 8.93 -3.72
CA PHE A 290 10.45 9.55 -3.49
C PHE A 290 10.72 10.92 -2.88
N TYR A 291 11.69 10.97 -1.96
CA TYR A 291 11.81 12.21 -1.19
C TYR A 291 12.37 13.36 -2.00
N GLN A 292 13.08 13.01 -3.06
CA GLN A 292 13.69 14.06 -3.86
C GLN A 292 12.65 14.73 -4.72
N GLN A 293 11.54 14.03 -4.97
CA GLN A 293 10.56 14.56 -5.89
C GLN A 293 10.09 15.92 -5.46
N MET A 294 9.88 16.08 -4.15
CA MET A 294 9.33 17.33 -3.65
C MET A 294 10.22 18.53 -3.92
N SER A 295 11.52 18.32 -4.06
CA SER A 295 12.43 19.42 -4.37
C SER A 295 12.58 19.61 -5.87
N THR A 296 12.19 18.58 -6.61
CA THR A 296 12.31 18.57 -8.07
C THR A 296 10.97 18.61 -8.78
N SER A 297 10.51 17.44 -9.21
CA SER A 297 9.30 17.32 -10.03
C SER A 297 8.08 17.97 -9.40
N LEU A 298 7.91 17.77 -8.09
CA LEU A 298 6.76 18.31 -7.33
C LEU A 298 6.89 19.83 -7.12
N ALA A 299 8.13 20.29 -7.09
CA ALA A 299 8.37 21.70 -7.01
C ALA A 299 8.01 22.36 -8.35
N LEU A 300 8.31 21.67 -9.45
CA LEU A 300 7.97 22.11 -10.81
C LEU A 300 6.47 22.04 -11.08
N PHE A 301 5.82 20.96 -10.64
CA PHE A 301 4.38 20.83 -10.69
C PHE A 301 3.76 22.02 -9.92
N ALA A 302 4.29 22.33 -8.73
CA ALA A 302 3.78 23.46 -7.94
C ALA A 302 4.00 24.82 -8.61
N LEU A 303 5.08 24.92 -9.40
CA LEU A 303 5.38 26.14 -10.16
C LEU A 303 4.39 26.37 -11.29
N ARG A 304 3.92 25.27 -11.87
CA ARG A 304 2.90 25.34 -12.91
C ARG A 304 1.51 25.37 -12.28
N ASN A 305 1.48 25.84 -11.04
CA ASN A 305 0.25 26.12 -10.27
C ASN A 305 0.58 27.03 -9.04
N VAL A 306 0.84 28.31 -9.31
CA VAL A 306 1.16 29.26 -8.26
C VAL A 306 -0.06 29.55 -7.37
N ASP A 307 -1.23 29.37 -7.96
CA ASP A 307 -2.54 29.56 -7.31
C ASP A 307 -2.64 29.02 -5.90
N TRP A 308 -2.94 29.90 -4.95
CA TRP A 308 -3.02 29.51 -3.56
C TRP A 308 -4.18 30.21 -2.84
N ASP A 309 -4.94 29.42 -2.09
CA ASP A 309 -6.02 29.91 -1.25
C ASP A 309 -5.55 30.10 0.21
N PHE A 310 -4.88 29.07 0.73
CA PHE A 310 -4.51 29.01 2.16
C PHE A 310 -3.18 29.63 2.45
N TRP A 318 1.64 39.67 -3.22
CA TRP A 318 0.89 39.74 -1.96
C TRP A 318 0.68 38.36 -1.40
N THR A 319 1.62 37.44 -1.70
CA THR A 319 1.60 36.04 -1.21
C THR A 319 0.41 35.19 -1.84
N TRP A 320 0.64 33.92 -2.18
CA TRP A 320 1.77 33.08 -1.68
C TRP A 320 2.49 32.34 -2.82
N SER A 321 3.82 32.49 -2.82
CA SER A 321 4.77 31.94 -3.81
C SER A 321 4.78 30.43 -3.94
N PRO A 322 5.08 29.91 -5.14
CA PRO A 322 5.06 28.44 -5.28
C PRO A 322 6.21 27.70 -4.57
N ALA A 323 7.34 28.36 -4.41
CA ALA A 323 8.40 27.69 -3.70
C ALA A 323 7.95 27.51 -2.21
N GLN A 324 7.00 28.33 -1.77
CA GLN A 324 6.63 28.34 -0.39
C GLN A 324 5.98 27.02 -0.06
N PHE A 325 5.60 26.27 -1.11
CA PHE A 325 4.94 25.02 -0.83
C PHE A 325 5.88 24.04 -0.11
N GLN A 326 7.18 24.14 -0.38
CA GLN A 326 8.16 23.21 0.20
C GLN A 326 8.20 23.41 1.72
N ALA A 327 7.79 24.60 2.17
CA ALA A 327 7.81 24.91 3.60
C ALA A 327 6.82 24.07 4.36
N LEU A 328 5.91 23.43 3.62
CA LEU A 328 4.90 22.57 4.23
C LEU A 328 5.60 21.45 4.95
N ASN A 329 6.76 21.06 4.42
CA ASN A 329 7.46 19.92 4.98
C ASN A 329 7.85 20.07 6.46
N PRO A 330 8.65 21.11 6.80
CA PRO A 330 9.00 21.32 8.21
C PRO A 330 7.81 21.69 9.11
N ILE A 331 6.87 22.41 8.55
CA ILE A 331 5.69 22.81 9.30
C ILE A 331 4.86 21.58 9.73
N TRP A 332 4.66 20.66 8.80
CA TRP A 332 3.92 19.45 9.11
C TRP A 332 4.66 18.56 10.09
N ILE A 333 5.97 18.47 9.93
CA ILE A 333 6.81 17.67 10.83
C ILE A 333 6.71 18.18 12.26
N MET A 334 6.75 19.49 12.42
CA MET A 334 6.62 20.07 13.75
C MET A 334 5.26 19.82 14.42
N VAL A 335 4.20 19.81 13.62
CA VAL A 335 2.84 19.63 14.15
C VAL A 335 2.46 18.14 14.33
N LEU A 336 3.10 17.26 13.55
CA LEU A 336 2.81 15.83 13.66
C LEU A 336 3.75 15.15 14.65
N SER A 337 4.86 15.80 14.99
CA SER A 337 5.82 15.21 15.92
C SER A 337 5.29 14.96 17.33
N PRO A 338 4.57 15.93 17.91
CA PRO A 338 4.04 15.66 19.25
C PRO A 338 2.90 14.65 19.24
N VAL A 339 2.30 14.45 18.08
CA VAL A 339 1.24 13.48 17.92
C VAL A 339 1.82 12.06 17.93
N LEU A 340 2.92 11.85 17.22
CA LEU A 340 3.60 10.54 17.17
C LEU A 340 4.34 10.16 18.46
N ALA A 341 4.81 11.16 19.20
CA ALA A 341 5.53 10.93 20.45
C ALA A 341 4.57 10.38 21.50
N TRP A 342 3.28 10.67 21.32
CA TRP A 342 2.24 10.16 22.21
C TRP A 342 2.00 8.69 21.88
N SER A 343 2.48 7.81 22.76
CA SER A 343 2.37 6.38 22.52
C SER A 343 1.81 5.59 23.72
N TYR A 344 0.87 4.70 23.45
CA TYR A 344 0.23 3.89 24.48
C TYR A 344 1.03 2.59 24.70
N SER A 345 1.97 2.34 23.80
CA SER A 345 2.79 1.14 23.81
C SER A 345 3.78 1.13 24.97
N TRP A 346 3.68 0.11 25.83
CA TRP A 346 4.60 -0.08 26.95
C TRP A 346 4.61 1.10 27.93
N ASP A 353 8.05 -3.39 20.54
CA ASP A 353 8.74 -4.50 21.19
C ASP A 353 10.02 -4.91 20.45
N PHE A 354 9.85 -5.49 19.27
CA PHE A 354 10.98 -5.93 18.46
C PHE A 354 10.63 -5.99 16.96
N SER A 355 11.61 -5.73 16.11
CA SER A 355 11.43 -5.74 14.63
C SER A 355 10.32 -4.79 14.18
N ILE A 356 10.49 -3.53 14.54
CA ILE A 356 9.54 -2.47 14.25
C ILE A 356 9.96 -1.87 12.92
N ALA A 357 10.46 -2.74 12.04
CA ALA A 357 10.90 -2.39 10.68
C ALA A 357 9.67 -2.31 9.77
N ALA A 358 8.52 -2.67 10.31
CA ALA A 358 7.24 -2.54 9.63
C ALA A 358 6.91 -1.06 9.39
N LYS A 359 7.55 -0.19 10.18
CA LYS A 359 7.41 1.25 10.02
C LYS A 359 7.97 1.68 8.67
N PHE A 360 8.83 0.87 8.05
CA PHE A 360 9.27 1.15 6.69
C PHE A 360 8.06 0.99 5.77
N ALA A 361 7.36 -0.13 5.91
CA ALA A 361 6.22 -0.42 5.07
C ALA A 361 5.17 0.66 5.22
N LEU A 362 4.78 0.94 6.47
CA LEU A 362 3.81 1.98 6.76
C LEU A 362 4.24 3.27 6.09
N GLY A 363 5.53 3.58 6.20
CA GLY A 363 6.06 4.82 5.65
C GLY A 363 5.80 4.87 4.16
N PHE A 364 6.21 3.81 3.45
CA PHE A 364 6.01 3.73 2.01
C PHE A 364 4.52 3.84 1.72
N ALA A 365 3.72 3.18 2.56
CA ALA A 365 2.29 3.12 2.37
C ALA A 365 1.70 4.52 2.48
N VAL A 366 2.18 5.26 3.50
CA VAL A 366 1.72 6.62 3.70
C VAL A 366 2.24 7.53 2.56
N VAL A 367 3.44 7.23 2.06
CA VAL A 367 3.93 8.01 0.94
C VAL A 367 3.09 7.67 -0.28
N ALA A 368 2.65 6.42 -0.35
CA ALA A 368 1.92 5.95 -1.50
C ALA A 368 0.67 6.82 -1.75
N ILE A 369 -0.22 6.89 -0.75
CA ILE A 369 -1.44 7.68 -0.92
C ILE A 369 -1.10 9.15 -1.12
N GLY A 370 0.06 9.57 -0.60
CA GLY A 370 0.44 10.95 -0.80
C GLY A 370 0.57 11.26 -2.29
N PHE A 371 1.22 10.35 -3.02
CA PHE A 371 1.43 10.55 -4.43
C PHE A 371 0.11 10.44 -5.17
N PHE A 372 -0.79 9.60 -4.65
CA PHE A 372 -2.07 9.43 -5.31
C PHE A 372 -2.91 10.66 -5.12
N ILE A 373 -2.63 11.44 -4.06
CA ILE A 373 -3.35 12.71 -3.90
C ILE A 373 -3.02 13.55 -5.16
N TYR A 374 -1.73 13.63 -5.47
CA TYR A 374 -1.32 14.37 -6.67
C TYR A 374 -1.84 13.62 -7.91
N GLY A 375 -1.93 12.29 -7.79
CA GLY A 375 -2.43 11.46 -8.86
C GLY A 375 -3.86 11.84 -9.16
N PHE A 376 -4.68 12.04 -8.12
CA PHE A 376 -6.08 12.31 -8.39
C PHE A 376 -6.31 13.77 -8.30
N ALA A 377 -5.21 14.53 -8.41
CA ALA A 377 -5.41 15.97 -8.37
C ALA A 377 -6.04 16.52 -9.67
N GLY A 378 -5.75 15.85 -10.79
CA GLY A 378 -6.22 16.27 -12.09
C GLY A 378 -7.73 16.14 -12.22
N GLN A 379 -8.29 15.23 -11.45
CA GLN A 379 -9.71 14.96 -11.49
C GLN A 379 -10.50 16.08 -10.81
N PHE A 380 -10.35 16.25 -9.50
CA PHE A 380 -11.11 17.29 -8.80
C PHE A 380 -10.31 18.58 -8.58
N ALA A 381 -11.04 19.70 -8.61
CA ALA A 381 -10.48 21.05 -8.45
C ALA A 381 -9.47 21.44 -9.55
N VAL A 382 -9.96 21.58 -10.78
CA VAL A 382 -9.14 21.96 -11.94
C VAL A 382 -9.79 23.04 -12.83
N ASN A 383 -9.12 24.20 -12.92
CA ASN A 383 -9.54 25.31 -13.81
C ASN A 383 -8.41 25.60 -14.82
N GLY A 384 -8.11 24.63 -15.66
CA GLY A 384 -6.91 24.65 -16.47
C GLY A 384 -5.87 23.79 -15.76
N LYS A 385 -5.57 24.15 -14.52
CA LYS A 385 -4.65 23.43 -13.64
C LYS A 385 -4.70 24.13 -12.28
N THR A 386 -5.44 23.54 -11.33
CA THR A 386 -5.60 24.12 -9.99
C THR A 386 -5.19 23.16 -8.85
N SER A 387 -6.14 22.81 -7.98
CA SER A 387 -5.86 21.95 -6.81
C SER A 387 -4.82 22.52 -5.82
N SER A 388 -5.23 23.52 -5.06
CA SER A 388 -4.31 24.18 -4.14
C SER A 388 -4.05 23.40 -2.87
N TRP A 389 -5.12 22.80 -2.33
CA TRP A 389 -5.01 22.06 -1.07
C TRP A 389 -4.30 20.73 -1.25
N VAL A 390 -4.20 20.32 -2.50
CA VAL A 390 -3.55 19.08 -2.89
C VAL A 390 -2.12 19.04 -2.41
N MET A 391 -1.49 20.20 -2.37
CA MET A 391 -0.12 20.31 -1.89
C MET A 391 -0.07 20.20 -0.37
N ILE A 392 -1.04 20.84 0.30
CA ILE A 392 -1.10 20.80 1.75
C ILE A 392 -1.28 19.36 2.26
N TRP A 393 -2.27 18.66 1.75
CA TRP A 393 -2.46 17.29 2.21
C TRP A 393 -1.35 16.37 1.69
N GLY A 394 -0.87 16.67 0.49
CA GLY A 394 0.17 15.81 -0.07
C GLY A 394 1.41 15.82 0.80
N TYR A 395 1.92 17.02 1.07
CA TYR A 395 3.10 17.19 1.92
C TYR A 395 2.84 16.67 3.32
N ALA A 396 1.60 16.78 3.81
CA ALA A 396 1.27 16.18 5.11
C ALA A 396 1.62 14.67 5.11
N SER A 397 1.28 14.01 4.01
CA SER A 397 1.58 12.59 3.86
C SER A 397 3.09 12.31 3.68
N TYR A 398 3.77 13.23 3.03
CA TYR A 398 5.19 13.03 2.78
C TYR A 398 5.94 13.15 4.10
N SER A 399 5.64 14.22 4.83
CA SER A 399 6.30 14.50 6.09
C SER A 399 6.04 13.40 7.12
N LEU A 400 4.82 12.87 7.15
CA LEU A 400 4.55 11.77 8.06
C LEU A 400 5.32 10.49 7.68
N GLY A 401 5.44 10.22 6.38
CA GLY A 401 6.21 9.06 5.98
C GLY A 401 7.67 9.21 6.34
N GLU A 402 8.21 10.41 6.16
CA GLU A 402 9.59 10.73 6.50
C GLU A 402 9.81 10.58 8.00
N LEU A 403 8.79 10.98 8.76
CA LEU A 403 8.82 10.89 10.21
C LEU A 403 8.92 9.44 10.68
N LEU A 404 8.19 8.54 10.00
CA LEU A 404 8.19 7.11 10.36
C LEU A 404 9.49 6.35 10.07
N VAL A 405 10.23 6.75 9.05
CA VAL A 405 11.50 6.11 8.72
C VAL A 405 12.70 6.81 9.35
N SER A 406 12.53 7.26 10.59
CA SER A 406 13.57 7.95 11.33
C SER A 406 14.79 7.08 11.67
N GLY A 407 14.59 5.77 11.84
CA GLY A 407 15.68 4.87 12.16
C GLY A 407 16.48 4.42 10.95
N LEU A 408 16.98 5.41 10.22
CA LEU A 408 17.75 5.19 8.98
C LEU A 408 19.14 4.58 9.24
N GLY A 409 19.65 4.79 10.47
CA GLY A 409 20.99 4.41 10.89
C GLY A 409 21.69 3.27 10.17
N LEU A 410 22.92 3.54 9.72
CA LEU A 410 23.69 2.53 8.99
C LEU A 410 23.97 1.28 9.82
N ALA A 411 23.99 1.45 11.14
CA ALA A 411 24.22 0.34 12.07
C ALA A 411 22.94 -0.48 12.26
N MET A 412 21.81 0.13 11.94
CA MET A 412 20.52 -0.55 12.05
C MET A 412 20.43 -1.66 11.01
N ILE A 413 20.97 -1.41 9.82
CA ILE A 413 20.95 -2.42 8.76
C ILE A 413 22.06 -3.45 8.98
N ALA A 414 23.19 -3.00 9.54
CA ALA A 414 24.32 -3.88 9.86
C ALA A 414 24.01 -4.87 10.98
N ARG A 415 23.47 -6.03 10.61
CA ARG A 415 23.16 -7.07 11.57
C ARG A 415 24.21 -8.18 11.58
N TYR A 416 25.04 -8.21 10.54
CA TYR A 416 26.05 -9.27 10.41
C TYR A 416 27.47 -8.78 10.67
N GLY A 423 31.46 -4.83 8.38
CA GLY A 423 30.89 -3.53 8.66
C GLY A 423 31.26 -2.44 7.66
N PHE A 424 31.04 -2.74 6.38
CA PHE A 424 31.30 -1.79 5.29
C PHE A 424 30.06 -0.95 4.96
N MET A 425 29.15 -0.78 5.92
CA MET A 425 27.96 0.02 5.69
C MET A 425 28.18 1.54 5.84
N MET A 426 29.30 1.93 6.44
CA MET A 426 29.65 3.34 6.58
C MET A 426 29.93 3.91 5.20
N GLY A 427 30.34 3.03 4.30
CA GLY A 427 30.59 3.39 2.92
C GLY A 427 29.43 2.99 2.07
N ALA A 428 29.38 1.70 1.70
CA ALA A 428 28.39 1.15 0.77
C ALA A 428 26.99 1.70 0.93
N TYR A 429 26.52 1.75 2.18
CA TYR A 429 25.18 2.25 2.47
C TYR A 429 25.09 3.78 2.35
N PHE A 430 26.00 4.49 2.99
CA PHE A 430 26.03 5.94 2.94
C PHE A 430 26.16 6.44 1.50
N VAL A 431 27.09 5.83 0.76
CA VAL A 431 27.26 6.15 -0.65
C VAL A 431 26.04 5.79 -1.45
N ALA A 432 25.45 4.64 -1.17
CA ALA A 432 24.22 4.26 -1.86
C ALA A 432 23.12 5.31 -1.63
N SER A 433 23.06 5.80 -0.40
CA SER A 433 22.09 6.80 0.00
C SER A 433 22.42 8.15 -0.62
N GLY A 434 23.68 8.32 -1.03
CA GLY A 434 24.04 9.51 -1.77
C GLY A 434 23.66 9.38 -3.24
N ILE A 435 23.88 8.19 -3.80
CA ILE A 435 23.57 7.92 -5.16
C ILE A 435 22.09 8.13 -5.41
N SER A 436 21.31 7.72 -4.43
CA SER A 436 19.85 7.80 -4.57
C SER A 436 19.35 9.21 -4.78
N GLN A 437 20.08 10.18 -4.24
CA GLN A 437 19.67 11.56 -4.39
C GLN A 437 19.65 12.01 -5.86
N TYR A 438 20.63 11.54 -6.60
CA TYR A 438 20.69 11.78 -8.04
C TYR A 438 19.58 10.94 -8.73
N LEU A 439 19.37 9.74 -8.22
CA LEU A 439 18.34 8.93 -8.83
C LEU A 439 16.97 9.60 -8.74
N GLY A 440 16.79 10.44 -7.72
CA GLY A 440 15.52 11.12 -7.55
C GLY A 440 15.29 12.13 -8.66
N GLY A 441 16.39 12.65 -9.18
CA GLY A 441 16.31 13.58 -10.30
C GLY A 441 16.05 12.84 -11.59
N VAL A 442 16.67 11.67 -11.79
CA VAL A 442 16.36 10.93 -13.02
C VAL A 442 14.89 10.47 -13.03
N VAL A 443 14.34 10.26 -11.84
CA VAL A 443 12.93 9.88 -11.72
C VAL A 443 12.02 11.11 -11.90
N ALA A 444 12.51 12.26 -11.47
CA ALA A 444 11.78 13.51 -11.66
C ALA A 444 11.70 13.89 -13.13
N ASN A 445 12.72 13.45 -13.87
CA ASN A 445 12.86 13.71 -15.31
C ASN A 445 11.81 13.03 -16.11
N PHE A 446 11.10 12.09 -15.50
CA PHE A 446 9.98 11.48 -16.22
C PHE A 446 8.83 12.42 -16.35
N ALA A 447 8.80 13.45 -15.51
CA ALA A 447 7.77 14.49 -15.61
C ALA A 447 8.36 15.83 -16.14
N SER A 448 9.37 15.73 -17.00
CA SER A 448 10.00 16.92 -17.55
C SER A 448 9.20 17.50 -18.70
N VAL A 449 8.65 18.69 -18.49
CA VAL A 449 7.87 19.43 -19.51
C VAL A 449 8.76 20.20 -20.48
N PRO A 450 8.58 20.00 -21.80
CA PRO A 450 9.41 20.75 -22.75
C PRO A 450 9.25 22.27 -22.56
N GLN A 451 10.32 23.01 -22.78
CA GLN A 451 10.29 24.44 -22.59
C GLN A 451 9.23 25.16 -23.44
N ASP A 452 8.93 24.63 -24.63
CA ASP A 452 7.93 25.22 -25.54
C ASP A 452 6.46 24.93 -25.13
N LEU A 453 6.29 24.02 -24.17
CA LEU A 453 4.98 23.66 -23.63
C LEU A 453 4.65 24.45 -22.34
N VAL A 454 3.74 25.41 -22.50
CA VAL A 454 3.37 26.32 -21.42
C VAL A 454 1.91 26.14 -20.98
N ASP A 455 1.11 25.53 -21.85
CA ASP A 455 -0.33 25.26 -21.63
C ASP A 455 -0.58 24.32 -20.45
N PRO A 456 -1.18 24.85 -19.37
CA PRO A 456 -1.24 24.05 -18.14
C PRO A 456 -2.13 22.83 -18.27
N LEU A 457 -3.09 22.90 -19.18
CA LEU A 457 -4.01 21.82 -19.46
C LEU A 457 -3.28 20.58 -19.97
N GLN A 458 -2.08 20.78 -20.53
CA GLN A 458 -1.25 19.69 -21.06
C GLN A 458 -0.15 19.30 -20.10
N THR A 459 0.31 20.26 -19.29
CA THR A 459 1.38 19.95 -18.33
C THR A 459 0.84 19.09 -17.21
N LEU A 460 -0.39 19.37 -16.80
CA LEU A 460 -1.01 18.62 -15.73
C LEU A 460 -0.92 17.06 -15.86
N PRO A 461 -1.33 16.49 -17.01
CA PRO A 461 -1.30 15.03 -17.07
C PRO A 461 0.08 14.39 -16.91
N VAL A 462 1.13 14.98 -17.48
CA VAL A 462 2.45 14.36 -17.37
C VAL A 462 2.89 14.29 -15.92
N TYR A 463 2.59 15.32 -15.15
CA TYR A 463 2.90 15.32 -13.73
C TYR A 463 2.08 14.27 -12.99
N THR A 464 0.77 14.28 -13.18
CA THR A 464 -0.08 13.31 -12.50
C THR A 464 0.29 11.88 -12.87
N ASN A 465 0.65 11.64 -14.13
CA ASN A 465 1.04 10.30 -14.56
C ASN A 465 2.29 9.78 -13.86
N LEU A 466 3.18 10.69 -13.52
CA LEU A 466 4.34 10.35 -12.72
C LEU A 466 3.90 10.03 -11.32
N PHE A 467 3.16 10.96 -10.73
CA PHE A 467 2.71 10.80 -9.35
C PHE A 467 1.81 9.59 -9.14
N ASN A 468 1.05 9.24 -10.16
CA ASN A 468 0.18 8.10 -10.14
C ASN A 468 1.02 6.82 -10.26
N LYS A 469 2.12 6.93 -11.00
CA LYS A 469 3.00 5.79 -11.14
C LYS A 469 3.80 5.61 -9.87
N LEU A 470 4.27 6.71 -9.33
CA LEU A 470 5.15 6.64 -8.16
C LEU A 470 4.42 6.12 -6.94
N GLY A 471 3.13 6.37 -6.88
CA GLY A 471 2.36 5.89 -5.75
C GLY A 471 2.28 4.39 -5.81
N VAL A 472 2.08 3.87 -7.01
CA VAL A 472 2.00 2.44 -7.25
C VAL A 472 3.32 1.76 -6.94
N ALA A 473 4.39 2.39 -7.37
CA ALA A 473 5.73 1.94 -7.05
C ALA A 473 5.97 1.95 -5.54
N ALA A 474 5.36 2.90 -4.85
CA ALA A 474 5.46 3.00 -3.41
C ALA A 474 4.72 1.87 -2.70
N VAL A 475 3.68 1.35 -3.34
CA VAL A 475 2.99 0.21 -2.76
C VAL A 475 3.88 -1.00 -2.91
N VAL A 476 4.62 -1.05 -4.00
CA VAL A 476 5.51 -2.20 -4.21
C VAL A 476 6.53 -2.31 -3.12
N CYS A 477 7.12 -1.19 -2.71
CA CYS A 477 8.05 -1.20 -1.58
C CYS A 477 7.34 -1.60 -0.26
N THR A 478 6.08 -1.21 -0.12
CA THR A 478 5.37 -1.57 1.07
C THR A 478 5.37 -3.07 1.16
N ILE A 479 5.13 -3.73 0.03
CA ILE A 479 5.11 -5.21 -0.01
C ILE A 479 6.50 -5.77 0.28
N ILE A 480 7.48 -5.16 -0.35
CA ILE A 480 8.86 -5.56 -0.17
C ILE A 480 9.27 -5.54 1.30
N ALA A 481 8.90 -4.47 2.01
CA ALA A 481 9.30 -4.29 3.41
C ALA A 481 8.80 -5.40 4.32
N LEU A 482 7.60 -5.90 4.02
CA LEU A 482 6.96 -6.95 4.80
C LEU A 482 7.32 -8.36 4.34
N ALA A 483 7.73 -8.48 3.09
CA ALA A 483 8.16 -9.75 2.55
C ALA A 483 9.51 -10.11 3.16
N VAL A 484 10.26 -9.07 3.54
CA VAL A 484 11.59 -9.24 4.09
C VAL A 484 11.56 -9.30 5.60
N LEU A 485 10.36 -9.13 6.16
CA LEU A 485 10.16 -9.22 7.61
C LEU A 485 10.58 -10.55 8.25
N PRO A 486 10.21 -11.69 7.63
CA PRO A 486 10.61 -12.97 8.24
C PRO A 486 12.13 -13.18 8.29
N LEU A 487 12.87 -12.50 7.41
CA LEU A 487 14.33 -12.57 7.43
C LEU A 487 14.91 -11.79 8.61
N MET A 488 14.17 -10.79 9.10
CA MET A 488 14.55 -10.07 10.32
C MET A 488 14.18 -10.92 11.53
N ARG A 489 13.07 -11.66 11.43
CA ARG A 489 12.64 -12.57 12.50
C ARG A 489 13.60 -13.75 12.67
N ARG A 490 14.23 -14.18 11.57
CA ARG A 490 15.14 -15.34 11.58
C ARG A 490 16.44 -15.15 12.39
N LEU A 491 17.11 -14.02 12.21
CA LEU A 491 18.38 -13.75 12.87
C LEU A 491 18.29 -13.59 14.40
N THR A 492 17.25 -12.91 14.85
CA THR A 492 17.01 -12.68 16.28
C THR A 492 16.51 -13.94 17.03
N LYS B 10 -10.00 -41.83 11.82
CA LYS B 10 -8.70 -42.43 11.52
C LYS B 10 -8.32 -42.26 10.05
N THR B 11 -8.27 -41.00 9.61
CA THR B 11 -7.94 -40.60 8.22
C THR B 11 -8.96 -41.06 7.18
N HIS B 12 -9.47 -42.28 7.31
CA HIS B 12 -10.49 -42.77 6.41
C HIS B 12 -11.74 -41.86 6.55
N SER B 13 -12.02 -41.50 7.80
CA SER B 13 -13.17 -40.64 8.14
C SER B 13 -13.03 -39.19 7.54
N PHE B 14 -11.78 -38.75 7.59
CA PHE B 14 -11.46 -37.45 7.05
C PHE B 14 -11.48 -37.48 5.52
N MET B 15 -10.97 -38.55 4.94
CA MET B 15 -10.97 -38.70 3.49
C MET B 15 -12.38 -38.59 2.93
N THR B 16 -13.32 -39.31 3.53
CA THR B 16 -14.68 -39.22 3.01
C THR B 16 -15.25 -37.82 3.19
N VAL B 17 -15.20 -37.27 4.42
CA VAL B 17 -15.79 -35.94 4.56
C VAL B 17 -15.20 -34.86 3.60
N SER B 18 -13.92 -35.02 3.29
CA SER B 18 -13.22 -34.15 2.36
C SER B 18 -13.67 -34.38 0.94
N LEU B 19 -13.92 -35.64 0.57
CA LEU B 19 -14.40 -35.92 -0.78
C LEU B 19 -15.81 -35.39 -1.07
N ILE B 20 -16.67 -35.44 -0.04
CA ILE B 20 -17.99 -34.85 -0.19
C ILE B 20 -17.86 -33.31 -0.33
N GLU B 21 -17.00 -32.69 0.48
CA GLU B 21 -16.78 -31.23 0.34
C GLU B 21 -16.28 -30.88 -1.07
N LEU B 22 -15.36 -31.71 -1.57
CA LEU B 22 -14.80 -31.55 -2.89
C LEU B 22 -15.90 -31.50 -3.97
N TRP B 23 -16.83 -32.46 -3.92
CA TRP B 23 -17.85 -32.48 -4.95
C TRP B 23 -18.95 -31.42 -4.74
N GLU B 24 -19.15 -31.03 -3.48
CA GLU B 24 -20.16 -30.02 -3.13
C GLU B 24 -19.75 -28.65 -3.67
N ARG B 25 -18.48 -28.32 -3.43
CA ARG B 25 -17.91 -27.08 -3.90
C ARG B 25 -17.66 -27.14 -5.41
N PHE B 26 -17.49 -28.34 -5.94
CA PHE B 26 -17.44 -28.51 -7.38
C PHE B 26 -18.74 -27.94 -7.96
N GLY B 27 -19.88 -28.43 -7.45
CA GLY B 27 -21.14 -27.93 -7.94
C GLY B 27 -21.43 -26.45 -7.61
N TYR B 28 -21.04 -26.03 -6.41
CA TYR B 28 -21.32 -24.67 -6.00
C TYR B 28 -20.56 -23.65 -6.83
N TYR B 29 -19.27 -23.85 -6.99
CA TYR B 29 -18.51 -22.87 -7.75
C TYR B 29 -18.73 -22.99 -9.25
N GLY B 30 -19.07 -24.21 -9.69
CA GLY B 30 -19.38 -24.41 -11.09
C GLY B 30 -20.61 -23.58 -11.42
N MET B 31 -21.50 -23.45 -10.42
CA MET B 31 -22.67 -22.59 -10.56
C MET B 31 -22.32 -21.09 -10.45
N GLN B 32 -21.57 -20.74 -9.40
CA GLN B 32 -21.15 -19.38 -9.12
C GLN B 32 -20.53 -18.63 -10.29
N ALA B 33 -19.58 -19.26 -10.97
CA ALA B 33 -18.92 -18.60 -12.10
C ALA B 33 -19.90 -18.18 -13.21
N LEU B 34 -20.93 -19.00 -13.42
CA LEU B 34 -21.81 -18.78 -14.55
C LEU B 34 -23.05 -17.99 -14.23
N ILE B 35 -23.52 -18.01 -12.98
CA ILE B 35 -24.84 -17.46 -12.63
C ILE B 35 -25.05 -16.01 -13.04
N VAL B 36 -24.03 -15.20 -12.77
CA VAL B 36 -24.01 -13.79 -13.09
C VAL B 36 -23.95 -13.54 -14.62
N TYR B 37 -23.18 -14.37 -15.32
CA TYR B 37 -23.15 -14.40 -16.77
C TYR B 37 -24.53 -14.84 -17.31
N PHE B 38 -25.19 -15.74 -16.58
CA PHE B 38 -26.48 -16.27 -16.97
C PHE B 38 -27.49 -15.16 -16.91
N MET B 39 -27.40 -14.35 -15.87
CA MET B 39 -28.34 -13.25 -15.74
C MET B 39 -28.10 -12.18 -16.80
N VAL B 40 -26.84 -12.01 -17.22
CA VAL B 40 -26.60 -11.01 -18.28
C VAL B 40 -26.78 -11.51 -19.74
N GLN B 41 -26.26 -12.71 -20.02
CA GLN B 41 -26.23 -13.25 -21.36
C GLN B 41 -27.50 -13.99 -21.79
N ARG B 42 -27.95 -14.93 -20.95
CA ARG B 42 -29.19 -15.68 -21.22
C ARG B 42 -30.45 -14.93 -20.80
N LEU B 43 -30.46 -14.42 -19.58
CA LEU B 43 -31.52 -13.54 -19.12
C LEU B 43 -31.08 -12.12 -19.46
N GLY B 44 -31.98 -11.15 -19.33
CA GLY B 44 -31.69 -9.79 -19.76
C GLY B 44 -31.31 -8.78 -18.70
N PHE B 45 -30.76 -9.26 -17.60
CA PHE B 45 -30.38 -8.40 -16.49
C PHE B 45 -29.28 -7.37 -16.88
N ASP B 46 -29.42 -6.13 -16.41
CA ASP B 46 -28.38 -5.12 -16.56
C ASP B 46 -27.31 -5.23 -15.46
N ASP B 47 -26.09 -4.73 -15.75
CA ASP B 47 -24.93 -4.86 -14.86
C ASP B 47 -25.22 -4.49 -13.39
N SER B 48 -26.02 -3.42 -13.24
CA SER B 48 -26.45 -2.87 -11.97
C SER B 48 -27.30 -3.84 -11.16
N ARG B 49 -28.35 -4.40 -11.77
CA ARG B 49 -29.22 -5.38 -11.10
C ARG B 49 -28.56 -6.76 -10.94
N ALA B 50 -27.97 -7.26 -12.00
CA ALA B 50 -27.33 -8.57 -11.91
C ALA B 50 -26.34 -8.68 -10.74
N ASN B 51 -25.49 -7.65 -10.59
CA ASN B 51 -24.54 -7.65 -9.46
C ASN B 51 -25.26 -7.74 -8.12
N LEU B 52 -26.29 -6.88 -7.95
CA LEU B 52 -27.05 -6.82 -6.71
C LEU B 52 -27.76 -8.10 -6.30
N VAL B 53 -28.47 -8.73 -7.23
CA VAL B 53 -29.12 -9.96 -6.84
C VAL B 53 -28.09 -11.02 -6.54
N TRP B 54 -27.07 -11.17 -7.37
CA TRP B 54 -26.04 -12.16 -6.99
C TRP B 54 -25.35 -11.86 -5.64
N SER B 55 -25.15 -10.58 -5.34
CA SER B 55 -24.54 -10.16 -4.08
C SER B 55 -25.46 -10.40 -2.88
N ALA B 56 -26.76 -10.31 -3.11
CA ALA B 56 -27.75 -10.57 -2.08
C ALA B 56 -27.80 -12.04 -1.79
N CYS B 57 -27.66 -12.80 -2.86
CA CYS B 57 -27.61 -14.25 -2.79
C CYS B 57 -26.36 -14.73 -2.06
N ALA B 58 -25.23 -14.07 -2.33
CA ALA B 58 -23.98 -14.39 -1.69
C ALA B 58 -24.04 -14.02 -0.22
N ALA B 59 -24.75 -12.94 0.07
CA ALA B 59 -24.91 -12.50 1.44
C ALA B 59 -25.68 -13.54 2.22
N LEU B 60 -26.79 -13.99 1.65
CA LEU B 60 -27.60 -15.02 2.28
C LEU B 60 -26.83 -16.32 2.45
N ILE B 61 -26.03 -16.66 1.44
CA ILE B 61 -25.28 -17.89 1.46
C ILE B 61 -24.26 -17.83 2.60
N TYR B 62 -23.56 -16.72 2.72
CA TYR B 62 -22.52 -16.57 3.75
C TYR B 62 -23.15 -16.64 5.13
N VAL B 63 -24.32 -16.03 5.26
CA VAL B 63 -24.97 -15.90 6.56
C VAL B 63 -25.78 -17.19 6.92
N SER B 64 -25.95 -18.06 5.93
CA SER B 64 -26.73 -19.30 6.05
C SER B 64 -26.28 -20.30 7.12
N PRO B 65 -24.98 -20.64 7.16
CA PRO B 65 -24.58 -21.68 8.12
C PRO B 65 -24.81 -21.34 9.59
N ALA B 66 -25.22 -20.11 9.89
CA ALA B 66 -25.47 -19.70 11.26
C ALA B 66 -26.64 -20.49 11.86
N ILE B 67 -27.75 -20.53 11.12
CA ILE B 67 -28.94 -21.24 11.57
C ILE B 67 -28.73 -22.75 11.49
N GLY B 68 -28.31 -23.21 10.30
CA GLY B 68 -28.09 -24.61 10.02
C GLY B 68 -27.07 -25.33 10.89
N GLY B 69 -26.09 -24.59 11.39
CA GLY B 69 -25.10 -25.16 12.28
C GLY B 69 -25.75 -25.60 13.58
N TRP B 70 -26.61 -24.75 14.10
CA TRP B 70 -27.34 -25.06 15.34
C TRP B 70 -28.35 -26.16 15.11
N VAL B 71 -28.86 -26.24 13.89
CA VAL B 71 -29.78 -27.31 13.53
C VAL B 71 -29.14 -28.72 13.60
N GLY B 72 -27.96 -28.89 13.01
CA GLY B 72 -27.26 -30.16 13.06
C GLY B 72 -26.68 -30.55 14.42
N ASP B 73 -26.33 -29.53 15.20
CA ASP B 73 -25.71 -29.73 16.50
C ASP B 73 -26.73 -29.90 17.63
N LYS B 74 -27.92 -29.32 17.47
CA LYS B 74 -28.92 -29.34 18.56
C LYS B 74 -30.33 -29.88 18.22
N ILE B 75 -30.79 -29.71 16.98
CA ILE B 75 -32.12 -30.19 16.56
C ILE B 75 -32.08 -31.60 15.94
N LEU B 76 -31.37 -31.75 14.83
CA LEU B 76 -31.24 -33.06 14.19
C LEU B 76 -29.78 -33.53 14.31
N GLY B 77 -29.39 -34.50 13.48
CA GLY B 77 -28.03 -35.01 13.53
C GLY B 77 -27.01 -34.17 12.78
N THR B 78 -25.75 -34.19 13.21
CA THR B 78 -24.72 -33.45 12.49
C THR B 78 -24.51 -34.11 11.11
N LYS B 79 -24.32 -35.42 11.12
CA LYS B 79 -24.20 -36.22 9.90
C LYS B 79 -25.47 -36.13 9.04
N ARG B 80 -26.64 -36.30 9.70
CA ARG B 80 -27.94 -36.26 9.04
C ARG B 80 -28.27 -34.89 8.43
N THR B 81 -27.95 -33.81 9.15
CA THR B 81 -28.20 -32.47 8.65
C THR B 81 -27.31 -32.21 7.48
N MET B 82 -26.09 -32.70 7.54
CA MET B 82 -25.17 -32.54 6.42
C MET B 82 -25.76 -33.27 5.18
N LEU B 83 -26.15 -34.53 5.35
CA LEU B 83 -26.70 -35.30 4.24
C LEU B 83 -27.97 -34.64 3.66
N LEU B 84 -28.80 -34.08 4.54
CA LEU B 84 -30.04 -33.39 4.17
C LEU B 84 -29.78 -32.12 3.35
N GLY B 85 -28.84 -31.31 3.84
CA GLY B 85 -28.48 -30.08 3.17
C GLY B 85 -27.94 -30.43 1.80
N ALA B 86 -27.21 -31.54 1.72
CA ALA B 86 -26.64 -31.93 0.43
C ALA B 86 -27.72 -32.34 -0.57
N GLY B 87 -28.74 -33.06 -0.11
CA GLY B 87 -29.83 -33.38 -1.03
C GLY B 87 -30.64 -32.16 -1.49
N ILE B 88 -30.84 -31.22 -0.57
CA ILE B 88 -31.53 -29.98 -0.87
C ILE B 88 -30.72 -29.16 -1.90
N LEU B 89 -29.40 -29.20 -1.77
CA LEU B 89 -28.53 -28.53 -2.71
C LEU B 89 -28.69 -29.19 -4.08
N SER B 90 -28.74 -30.52 -4.06
CA SER B 90 -28.89 -31.32 -5.25
C SER B 90 -30.16 -30.89 -6.00
N VAL B 91 -31.25 -30.77 -5.23
CA VAL B 91 -32.54 -30.35 -5.79
C VAL B 91 -32.54 -28.85 -6.21
N GLY B 92 -31.59 -28.13 -5.63
CA GLY B 92 -31.36 -26.75 -5.99
C GLY B 92 -30.85 -26.65 -7.43
N TYR B 93 -29.77 -27.39 -7.76
CA TYR B 93 -29.24 -27.40 -9.14
C TYR B 93 -30.14 -28.19 -10.08
N ALA B 94 -30.99 -29.02 -9.50
CA ALA B 94 -31.96 -29.74 -10.27
C ALA B 94 -32.96 -28.73 -10.79
N LEU B 95 -33.27 -27.71 -9.99
CA LEU B 95 -34.17 -26.67 -10.47
C LEU B 95 -33.52 -25.72 -11.50
N MET B 96 -32.20 -25.76 -11.56
CA MET B 96 -31.44 -24.95 -12.50
C MET B 96 -31.33 -25.60 -13.90
N THR B 97 -31.79 -26.82 -14.02
CA THR B 97 -31.71 -27.48 -15.30
C THR B 97 -32.97 -27.21 -16.07
N VAL B 98 -33.98 -26.65 -15.40
CA VAL B 98 -35.23 -26.32 -16.09
C VAL B 98 -34.98 -25.13 -17.04
N PRO B 99 -35.44 -25.23 -18.31
CA PRO B 99 -35.19 -24.18 -19.30
C PRO B 99 -35.53 -22.74 -18.88
N THR B 100 -36.70 -22.23 -19.21
CA THR B 100 -37.00 -20.87 -18.78
C THR B 100 -38.39 -20.84 -18.15
N GLU B 101 -38.49 -20.44 -16.88
CA GLU B 101 -39.81 -20.33 -16.27
C GLU B 101 -39.96 -19.03 -15.45
N ASN B 102 -40.50 -18.00 -16.09
CA ASN B 102 -40.83 -16.71 -15.46
C ASN B 102 -39.70 -16.04 -14.66
N THR B 103 -38.48 -16.54 -14.85
CA THR B 103 -37.27 -16.12 -14.09
C THR B 103 -37.31 -16.56 -12.63
N TRP B 104 -38.52 -16.54 -12.04
CA TRP B 104 -38.78 -16.97 -10.66
C TRP B 104 -38.29 -18.36 -10.33
N PHE B 105 -38.20 -19.23 -11.32
CA PHE B 105 -37.62 -20.55 -11.11
C PHE B 105 -36.16 -20.43 -10.71
N MET B 106 -35.46 -19.46 -11.28
CA MET B 106 -34.05 -19.29 -10.92
C MET B 106 -33.93 -18.75 -9.51
N PHE B 107 -34.77 -17.78 -9.19
CA PHE B 107 -34.75 -17.20 -7.86
C PHE B 107 -35.05 -18.27 -6.79
N SER B 108 -35.95 -19.17 -7.15
CA SER B 108 -36.32 -20.28 -6.28
C SER B 108 -35.16 -21.22 -6.15
N ALA B 109 -34.56 -21.57 -7.29
CA ALA B 109 -33.39 -22.45 -7.34
C ALA B 109 -32.30 -21.93 -6.42
N LEU B 110 -32.09 -20.62 -6.48
CA LEU B 110 -31.13 -19.92 -5.63
C LEU B 110 -31.54 -20.00 -4.17
N GLY B 111 -32.81 -19.78 -3.85
CA GLY B 111 -33.23 -19.83 -2.46
C GLY B 111 -32.98 -21.21 -1.86
N VAL B 112 -33.16 -22.23 -2.71
CA VAL B 112 -32.90 -23.62 -2.33
C VAL B 112 -31.43 -23.89 -2.09
N ILE B 113 -30.57 -23.29 -2.93
CA ILE B 113 -29.10 -23.38 -2.72
C ILE B 113 -28.70 -22.64 -1.42
N VAL B 114 -29.38 -21.55 -1.10
CA VAL B 114 -29.18 -20.87 0.19
C VAL B 114 -29.44 -21.85 1.35
N VAL B 115 -30.65 -22.43 1.37
CA VAL B 115 -31.02 -23.37 2.43
C VAL B 115 -30.09 -24.59 2.52
N GLY B 116 -29.78 -25.19 1.37
CA GLY B 116 -28.89 -26.34 1.29
C GLY B 116 -27.45 -26.05 1.75
N ASN B 117 -26.98 -24.84 1.45
CA ASN B 117 -25.66 -24.46 1.91
C ASN B 117 -25.70 -24.38 3.44
N GLY B 118 -26.70 -23.68 3.97
CA GLY B 118 -26.79 -23.51 5.41
C GLY B 118 -26.86 -24.80 6.21
N LEU B 119 -27.34 -25.86 5.57
CA LEU B 119 -27.38 -27.16 6.26
C LEU B 119 -26.17 -28.05 5.96
N PHE B 120 -25.41 -27.76 4.91
CA PHE B 120 -24.25 -28.59 4.62
C PHE B 120 -22.94 -28.01 5.18
N LYS B 121 -22.59 -26.81 4.73
CA LYS B 121 -21.29 -26.19 5.04
C LYS B 121 -20.85 -26.21 6.52
N PRO B 122 -21.72 -25.79 7.48
CA PRO B 122 -21.22 -25.78 8.86
C PRO B 122 -21.02 -27.18 9.45
N ASN B 123 -21.93 -28.09 9.14
CA ASN B 123 -21.86 -29.44 9.66
C ASN B 123 -20.73 -30.30 9.05
N ALA B 124 -20.48 -30.14 7.76
CA ALA B 124 -19.39 -30.87 7.14
C ALA B 124 -18.07 -30.44 7.75
N GLY B 125 -17.98 -29.15 8.03
CA GLY B 125 -16.82 -28.57 8.67
C GLY B 125 -16.75 -28.98 10.12
N ASN B 126 -17.92 -29.16 10.74
CA ASN B 126 -17.99 -29.61 12.12
C ASN B 126 -17.43 -31.01 12.29
N LEU B 127 -17.64 -31.87 11.30
CA LEU B 127 -17.10 -33.24 11.35
C LEU B 127 -15.56 -33.27 11.34
N VAL B 128 -14.97 -32.38 10.56
CA VAL B 128 -13.52 -32.23 10.53
C VAL B 128 -13.04 -31.76 11.89
N ARG B 129 -13.82 -30.91 12.54
CA ARG B 129 -13.51 -30.39 13.87
C ARG B 129 -13.59 -31.49 14.91
N LYS B 130 -14.58 -32.37 14.75
CA LYS B 130 -14.76 -33.46 15.70
C LYS B 130 -13.78 -34.63 15.44
N ILE B 131 -14.08 -35.51 14.49
CA ILE B 131 -13.14 -36.59 14.17
C ILE B 131 -11.92 -36.06 13.39
N TYR B 132 -10.72 -36.47 13.83
CA TYR B 132 -9.43 -36.03 13.27
C TYR B 132 -9.21 -34.52 13.33
N GLU B 133 -8.97 -33.95 14.51
CA GLU B 133 -8.88 -34.68 15.77
C GLU B 133 -9.67 -34.02 16.90
N GLY B 134 -10.17 -34.80 17.83
CA GLY B 134 -10.84 -34.21 18.98
C GLY B 134 -9.83 -33.63 19.95
N ASP B 135 -9.76 -32.30 20.00
CA ASP B 135 -8.82 -31.56 20.86
C ASP B 135 -7.31 -31.82 20.62
N ASP B 136 -6.84 -31.43 19.44
CA ASP B 136 -5.42 -31.54 19.08
C ASP B 136 -5.03 -30.47 18.04
N SER B 137 -3.73 -30.24 17.84
CA SER B 137 -3.25 -29.24 16.90
C SER B 137 -3.55 -29.68 15.48
N LYS B 138 -3.77 -30.98 15.35
CA LYS B 138 -3.96 -31.62 14.07
C LYS B 138 -5.08 -30.97 13.27
N ILE B 139 -6.07 -30.42 13.99
CA ILE B 139 -7.20 -29.79 13.31
C ILE B 139 -6.75 -28.67 12.36
N ASP B 140 -5.80 -27.84 12.79
CA ASP B 140 -5.37 -26.75 11.91
C ASP B 140 -4.79 -27.33 10.63
N SER B 141 -4.05 -28.41 10.80
CA SER B 141 -3.42 -29.08 9.68
C SER B 141 -4.48 -29.77 8.84
N ALA B 142 -5.54 -30.23 9.50
CA ALA B 142 -6.59 -30.93 8.79
C ALA B 142 -7.37 -29.93 7.95
N PHE B 143 -7.75 -28.82 8.58
CA PHE B 143 -8.53 -27.81 7.91
C PHE B 143 -7.83 -27.21 6.71
N THR B 144 -6.51 -27.23 6.71
CA THR B 144 -5.80 -26.75 5.53
C THR B 144 -5.93 -27.74 4.40
N ILE B 145 -5.81 -29.03 4.70
CA ILE B 145 -5.95 -30.05 3.67
C ILE B 145 -7.39 -29.99 3.12
N TYR B 146 -8.31 -29.81 4.04
CA TYR B 146 -9.71 -29.66 3.72
C TYR B 146 -9.89 -28.38 2.85
N TYR B 147 -9.14 -27.33 3.18
CA TYR B 147 -9.25 -26.08 2.47
C TYR B 147 -8.81 -26.36 1.05
N MET B 148 -7.75 -27.16 0.91
CA MET B 148 -7.22 -27.44 -0.41
C MET B 148 -8.21 -28.31 -1.17
N ALA B 149 -8.98 -29.09 -0.42
CA ALA B 149 -9.95 -29.98 -1.04
C ALA B 149 -10.99 -29.16 -1.77
N VAL B 150 -11.25 -27.95 -1.26
CA VAL B 150 -12.17 -27.07 -1.91
C VAL B 150 -11.56 -26.63 -3.23
N ASN B 151 -10.32 -26.19 -3.16
CA ASN B 151 -9.62 -25.66 -4.32
C ASN B 151 -9.48 -26.67 -5.44
N VAL B 152 -9.29 -27.94 -5.07
CA VAL B 152 -9.20 -28.99 -6.08
C VAL B 152 -10.54 -29.08 -6.79
N GLY B 153 -11.60 -29.19 -6.01
CA GLY B 153 -12.87 -29.43 -6.64
C GLY B 153 -13.21 -28.27 -7.54
N SER B 154 -13.25 -27.08 -6.93
CA SER B 154 -13.68 -25.86 -7.61
C SER B 154 -12.83 -25.56 -8.83
N THR B 155 -11.69 -26.23 -8.96
CA THR B 155 -10.93 -26.06 -10.19
C THR B 155 -11.69 -26.74 -11.34
N PHE B 156 -11.85 -28.06 -11.25
CA PHE B 156 -12.47 -28.83 -12.33
C PHE B 156 -13.86 -28.33 -12.70
N SER B 157 -14.51 -27.65 -11.77
CA SER B 157 -15.85 -27.14 -12.02
C SER B 157 -15.76 -25.88 -12.84
N MET B 158 -15.00 -24.92 -12.33
CA MET B 158 -14.97 -23.61 -12.95
C MET B 158 -14.26 -23.60 -14.29
N LEU B 159 -13.77 -24.77 -14.68
CA LEU B 159 -13.14 -24.96 -15.97
C LEU B 159 -14.06 -25.79 -16.89
N LEU B 160 -14.80 -26.73 -16.30
CA LEU B 160 -15.64 -27.60 -17.11
C LEU B 160 -17.00 -27.00 -17.47
N THR B 161 -17.66 -26.43 -16.46
CA THR B 161 -19.01 -25.85 -16.61
C THR B 161 -19.11 -24.72 -17.67
N PRO B 162 -18.14 -23.79 -17.73
CA PRO B 162 -18.27 -22.78 -18.79
C PRO B 162 -18.02 -23.37 -20.15
N TRP B 163 -17.14 -24.37 -20.23
CA TRP B 163 -16.86 -25.02 -21.51
C TRP B 163 -18.05 -25.82 -21.97
N ILE B 164 -18.69 -26.49 -21.03
CA ILE B 164 -19.86 -27.30 -21.35
C ILE B 164 -21.02 -26.39 -21.73
N LYS B 165 -21.09 -25.23 -21.08
CA LYS B 165 -22.07 -24.21 -21.44
C LYS B 165 -21.85 -23.72 -22.88
N ASP B 166 -20.60 -23.42 -23.21
CA ASP B 166 -20.23 -23.03 -24.55
C ASP B 166 -20.53 -24.13 -25.55
N TYR B 167 -20.04 -25.33 -25.24
CA TYR B 167 -20.14 -26.47 -26.14
C TYR B 167 -21.57 -26.85 -26.44
N VAL B 168 -22.39 -26.92 -25.40
CA VAL B 168 -23.78 -27.30 -25.58
C VAL B 168 -24.59 -26.23 -26.30
N ASN B 169 -24.24 -24.96 -26.07
CA ASN B 169 -24.88 -23.86 -26.78
C ASN B 169 -24.66 -23.92 -28.29
N ALA B 170 -23.55 -24.53 -28.70
CA ALA B 170 -23.20 -24.69 -30.12
C ALA B 170 -23.95 -25.85 -30.75
N GLN B 171 -24.17 -26.89 -29.97
CA GLN B 171 -24.90 -28.06 -30.46
C GLN B 171 -26.41 -27.80 -30.48
N TYR B 172 -26.91 -27.23 -29.40
CA TYR B 172 -28.32 -26.87 -29.30
C TYR B 172 -28.49 -25.45 -28.73
N GLY B 173 -29.07 -24.55 -29.53
CA GLY B 173 -29.23 -23.15 -29.14
C GLY B 173 -30.07 -22.86 -27.90
N ASN B 174 -29.45 -22.14 -26.95
CA ASN B 174 -30.08 -21.71 -25.69
C ASN B 174 -30.37 -22.82 -24.67
N GLU B 175 -31.08 -23.86 -25.11
CA GLU B 175 -31.43 -25.00 -24.25
C GLU B 175 -30.86 -26.31 -24.81
N PHE B 176 -30.08 -27.06 -24.01
CA PHE B 176 -29.78 -26.73 -22.61
C PHE B 176 -28.76 -25.62 -22.45
N GLY B 177 -27.62 -25.74 -23.12
CA GLY B 177 -26.58 -24.74 -23.06
C GLY B 177 -26.13 -24.42 -21.63
N TRP B 178 -26.76 -23.42 -21.03
CA TRP B 178 -26.48 -23.02 -19.66
C TRP B 178 -26.95 -24.10 -18.66
N HIS B 179 -28.13 -24.61 -18.94
CA HIS B 179 -28.74 -25.60 -18.10
C HIS B 179 -27.98 -26.92 -18.15
N ALA B 180 -27.22 -27.13 -19.21
CA ALA B 180 -26.37 -28.31 -19.28
C ALA B 180 -25.31 -28.19 -18.20
N ALA B 181 -24.79 -26.99 -18.04
CA ALA B 181 -23.76 -26.75 -17.06
C ALA B 181 -24.34 -26.90 -15.66
N PHE B 182 -25.55 -26.37 -15.48
CA PHE B 182 -26.21 -26.50 -14.20
C PHE B 182 -26.53 -27.99 -13.90
N ALA B 183 -26.65 -28.79 -14.96
CA ALA B 183 -26.85 -30.21 -14.81
C ALA B 183 -25.54 -30.83 -14.32
N VAL B 184 -24.42 -30.30 -14.79
CA VAL B 184 -23.14 -30.78 -14.32
C VAL B 184 -22.95 -30.50 -12.84
N CYS B 185 -23.37 -29.33 -12.38
CA CYS B 185 -23.36 -29.04 -10.94
C CYS B 185 -24.21 -30.09 -10.16
N CYS B 186 -25.42 -30.34 -10.68
CA CYS B 186 -26.33 -31.24 -10.02
C CYS B 186 -25.73 -32.63 -9.86
N VAL B 187 -25.25 -33.20 -10.97
CA VAL B 187 -24.67 -34.53 -10.93
C VAL B 187 -23.41 -34.57 -10.07
N GLY B 188 -22.76 -33.42 -9.96
CA GLY B 188 -21.61 -33.32 -9.07
C GLY B 188 -22.04 -33.58 -7.64
N ILE B 189 -23.13 -32.96 -7.23
CA ILE B 189 -23.62 -33.26 -5.90
C ILE B 189 -24.01 -34.75 -5.80
N LEU B 190 -24.67 -35.27 -6.85
CA LEU B 190 -25.07 -36.68 -6.86
C LEU B 190 -23.87 -37.62 -6.91
N VAL B 191 -22.68 -37.06 -7.08
CA VAL B 191 -21.47 -37.84 -7.08
C VAL B 191 -20.89 -37.87 -5.68
N GLY B 192 -20.82 -36.70 -5.07
CA GLY B 192 -20.31 -36.65 -3.71
C GLY B 192 -21.28 -37.34 -2.77
N LEU B 193 -22.50 -36.85 -2.74
CA LEU B 193 -23.52 -37.35 -1.84
C LEU B 193 -23.91 -38.78 -2.22
N GLY B 194 -24.01 -39.02 -3.52
CA GLY B 194 -24.47 -40.30 -4.03
C GLY B 194 -23.51 -41.43 -3.74
N ASN B 195 -22.25 -41.08 -3.52
CA ASN B 195 -21.23 -42.09 -3.25
C ASN B 195 -20.60 -41.99 -1.88
N TYR B 196 -19.61 -41.13 -1.82
CA TYR B 196 -18.77 -40.94 -0.64
C TYR B 196 -19.55 -40.75 0.69
N ALA B 197 -20.71 -40.14 0.62
CA ALA B 197 -21.50 -39.81 1.82
C ALA B 197 -22.08 -41.02 2.51
N LEU B 198 -22.22 -42.11 1.75
CA LEU B 198 -22.73 -43.37 2.30
C LEU B 198 -21.66 -44.46 2.38
N MET B 199 -20.45 -44.12 1.95
CA MET B 199 -19.35 -45.07 1.96
C MET B 199 -18.82 -45.34 3.35
N HIS B 200 -18.73 -44.30 4.19
CA HIS B 200 -18.21 -44.48 5.54
C HIS B 200 -19.21 -44.04 6.62
N LYS B 201 -19.05 -44.62 7.82
CA LYS B 201 -19.89 -44.25 8.96
C LYS B 201 -19.06 -43.82 10.17
N SER B 202 -18.85 -42.52 10.29
CA SER B 202 -18.08 -41.95 11.39
C SER B 202 -18.94 -41.25 12.46
N LEU B 203 -18.40 -41.17 13.68
CA LEU B 203 -19.06 -40.54 14.81
C LEU B 203 -18.95 -39.00 14.84
N ALA B 204 -20.09 -38.32 14.95
CA ALA B 204 -20.21 -36.85 14.99
C ALA B 204 -20.97 -36.39 16.24
N ASN B 205 -22.10 -35.69 16.05
CA ASN B 205 -23.06 -35.36 17.13
C ASN B 205 -24.52 -35.86 16.92
N TYR B 206 -25.21 -36.23 18.01
CA TYR B 206 -26.59 -36.79 17.99
C TYR B 206 -26.72 -38.17 17.33
N GLY B 207 -27.85 -38.45 16.70
CA GLY B 207 -28.08 -39.79 16.16
C GLY B 207 -28.13 -40.89 17.21
N SER B 208 -28.54 -40.55 18.43
CA SER B 208 -28.66 -41.53 19.49
C SER B 208 -29.99 -41.42 20.25
N PRO B 214 -31.37 -42.43 15.54
CA PRO B 214 -32.81 -42.16 15.41
C PRO B 214 -33.09 -40.67 15.21
N VAL B 215 -34.03 -40.35 14.33
CA VAL B 215 -34.36 -38.95 14.00
C VAL B 215 -35.77 -38.52 14.43
N ASN B 216 -35.85 -37.36 15.09
CA ASN B 216 -37.13 -36.86 15.58
C ASN B 216 -38.01 -36.37 14.45
N LYS B 217 -39.12 -37.06 14.23
CA LYS B 217 -39.99 -36.74 13.10
C LYS B 217 -40.66 -35.38 13.25
N LYS B 218 -41.03 -35.02 14.49
CA LYS B 218 -41.62 -33.72 14.75
C LYS B 218 -40.61 -32.62 14.41
N SER B 219 -39.35 -32.85 14.82
CA SER B 219 -38.30 -31.87 14.56
C SER B 219 -37.91 -31.85 13.09
N LEU B 220 -37.92 -33.03 12.46
CA LEU B 220 -37.60 -33.13 11.03
C LEU B 220 -38.63 -32.39 10.17
N ALA B 221 -39.90 -32.62 10.49
CA ALA B 221 -40.98 -31.94 9.81
C ALA B 221 -40.86 -30.45 10.03
N ILE B 222 -40.79 -29.99 11.28
CA ILE B 222 -40.72 -28.56 11.54
C ILE B 222 -39.50 -27.90 10.84
N VAL B 223 -38.40 -28.63 10.73
CA VAL B 223 -37.24 -28.12 10.00
C VAL B 223 -37.49 -28.04 8.47
N LEU B 224 -38.08 -29.08 7.89
CA LEU B 224 -38.36 -29.04 6.46
C LEU B 224 -39.37 -27.95 6.11
N ALA B 225 -40.39 -27.76 6.94
CA ALA B 225 -41.39 -26.75 6.69
C ALA B 225 -40.75 -25.36 6.70
N LEU B 226 -39.96 -25.11 7.74
CA LEU B 226 -39.29 -23.81 7.81
C LEU B 226 -38.30 -23.63 6.67
N ALA B 227 -37.75 -24.74 6.19
CA ALA B 227 -36.79 -24.70 5.10
C ALA B 227 -37.44 -24.29 3.76
N ALA B 228 -38.62 -24.85 3.50
CA ALA B 228 -39.38 -24.47 2.34
C ALA B 228 -39.73 -22.99 2.45
N LEU B 229 -40.17 -22.58 3.66
CA LEU B 229 -40.50 -21.18 3.89
C LEU B 229 -39.29 -20.27 3.67
N SER B 230 -38.11 -20.77 4.00
CA SER B 230 -36.91 -19.98 3.84
C SER B 230 -36.58 -19.83 2.40
N VAL B 231 -36.91 -20.85 1.61
CA VAL B 231 -36.69 -20.75 0.17
C VAL B 231 -37.57 -19.65 -0.38
N VAL B 232 -38.84 -19.65 0.05
CA VAL B 232 -39.77 -18.59 -0.34
C VAL B 232 -39.27 -17.19 0.03
N ALA B 233 -38.81 -17.06 1.27
CA ALA B 233 -38.31 -15.78 1.76
C ALA B 233 -37.06 -15.30 1.01
N SER B 234 -36.18 -16.23 0.69
CA SER B 234 -34.98 -15.91 -0.05
C SER B 234 -35.31 -15.45 -1.46
N ALA B 235 -36.20 -16.19 -2.13
CA ALA B 235 -36.61 -15.81 -3.49
C ALA B 235 -37.22 -14.42 -3.49
N ILE B 236 -38.08 -14.10 -2.49
CA ILE B 236 -38.66 -12.75 -2.42
C ILE B 236 -37.62 -11.65 -2.17
N ILE B 237 -36.63 -11.90 -1.31
CA ILE B 237 -35.59 -10.88 -1.19
C ILE B 237 -34.68 -10.75 -2.48
N LEU B 238 -34.43 -11.84 -3.20
CA LEU B 238 -33.64 -11.75 -4.43
C LEU B 238 -34.41 -11.10 -5.60
N GLU B 239 -35.68 -11.48 -5.82
CA GLU B 239 -36.48 -10.96 -6.92
C GLU B 239 -36.68 -9.47 -6.75
N TYR B 240 -37.10 -9.08 -5.55
CA TYR B 240 -37.34 -7.68 -5.24
C TYR B 240 -36.09 -6.96 -4.72
N GLU B 241 -35.47 -6.19 -5.60
CA GLU B 241 -34.23 -5.47 -5.35
C GLU B 241 -34.27 -4.61 -4.08
N ASP B 242 -35.35 -3.85 -3.96
CA ASP B 242 -35.49 -2.93 -2.86
C ASP B 242 -35.66 -3.64 -1.52
N VAL B 243 -36.26 -4.81 -1.57
CA VAL B 243 -36.45 -5.63 -0.38
C VAL B 243 -35.13 -6.09 0.24
N ALA B 244 -34.22 -6.59 -0.58
CA ALA B 244 -32.92 -6.99 -0.08
C ALA B 244 -32.18 -5.77 0.40
N ARG B 245 -32.33 -4.64 -0.30
CA ARG B 245 -31.66 -3.40 0.16
C ARG B 245 -32.09 -3.04 1.59
N VAL B 246 -33.39 -3.15 1.88
CA VAL B 246 -33.88 -2.88 3.22
C VAL B 246 -33.43 -3.94 4.24
N PHE B 247 -33.42 -5.20 3.83
CA PHE B 247 -32.95 -6.32 4.66
C PHE B 247 -31.47 -6.11 5.09
N VAL B 248 -30.66 -5.64 4.15
CA VAL B 248 -29.25 -5.39 4.41
C VAL B 248 -29.08 -4.16 5.29
N TYR B 249 -29.86 -3.12 5.01
CA TYR B 249 -29.82 -1.91 5.81
C TYR B 249 -30.20 -2.18 7.28
N ALA B 250 -31.25 -2.96 7.47
CA ALA B 250 -31.70 -3.35 8.79
C ALA B 250 -30.60 -4.15 9.49
N ALA B 251 -30.00 -5.08 8.75
CA ALA B 251 -28.93 -5.89 9.32
C ALA B 251 -27.76 -5.00 9.75
N GLY B 252 -27.58 -3.89 9.03
CA GLY B 252 -26.50 -2.97 9.29
C GLY B 252 -26.71 -2.14 10.55
N VAL B 253 -27.94 -1.67 10.71
CA VAL B 253 -28.29 -0.94 11.92
C VAL B 253 -28.20 -1.87 13.15
N ALA B 254 -28.49 -3.15 12.92
CA ALA B 254 -28.33 -4.18 13.95
C ALA B 254 -26.88 -4.40 14.40
N VAL B 255 -25.99 -4.65 13.44
CA VAL B 255 -24.59 -4.89 13.79
C VAL B 255 -23.94 -3.65 14.46
N LEU B 256 -24.19 -2.47 13.88
CA LEU B 256 -23.67 -1.24 14.44
C LEU B 256 -24.25 -0.97 15.84
N GLY B 257 -25.50 -1.41 16.08
CA GLY B 257 -26.09 -1.26 17.40
C GLY B 257 -25.46 -2.17 18.46
N ILE B 258 -25.17 -3.42 18.08
CA ILE B 258 -24.52 -4.35 18.99
C ILE B 258 -23.15 -3.79 19.41
N PHE B 259 -22.37 -3.31 18.43
CA PHE B 259 -21.06 -2.69 18.78
C PHE B 259 -21.15 -1.41 19.67
N PHE B 260 -22.25 -0.67 19.42
CA PHE B 260 -22.55 0.55 20.19
C PHE B 260 -22.80 0.22 21.66
N HIS B 261 -23.41 -0.94 21.93
CA HIS B 261 -23.65 -1.35 23.33
C HIS B 261 -22.43 -2.02 23.96
N LEU B 262 -21.62 -2.71 23.15
CA LEU B 262 -20.43 -3.40 23.64
C LEU B 262 -19.35 -2.46 24.17
N ILE B 263 -19.09 -1.37 23.44
CA ILE B 263 -18.05 -0.44 23.97
C ILE B 263 -18.46 0.39 25.21
N ARG B 264 -19.77 0.55 25.43
CA ARG B 264 -20.25 1.28 26.59
C ARG B 264 -19.96 0.49 27.86
N THR B 265 -18.92 0.92 28.58
CA THR B 265 -18.47 0.26 29.81
C THR B 265 -17.93 1.31 30.75
N PRO B 268 -12.73 0.24 30.30
CA PRO B 268 -11.38 0.79 30.45
C PRO B 268 -10.32 -0.19 29.97
N SER B 269 -10.37 -1.40 30.50
CA SER B 269 -9.45 -2.47 30.12
C SER B 269 -9.96 -3.18 28.87
N GLU B 270 -11.28 -3.32 28.77
CA GLU B 270 -11.92 -4.00 27.66
C GLU B 270 -11.82 -3.21 26.33
N ARG B 271 -11.77 -1.87 26.46
CA ARG B 271 -11.70 -0.95 25.33
C ARG B 271 -10.53 -1.21 24.37
N ALA B 272 -9.40 -1.64 24.92
CA ALA B 272 -8.21 -1.95 24.12
C ALA B 272 -8.46 -3.06 23.10
N GLY B 273 -9.33 -4.01 23.45
CA GLY B 273 -9.56 -5.12 22.55
C GLY B 273 -10.73 -4.81 21.64
N LEU B 274 -11.79 -4.30 22.24
CA LEU B 274 -13.04 -4.03 21.54
C LEU B 274 -12.89 -3.05 20.40
N ILE B 275 -12.21 -1.94 20.65
CA ILE B 275 -12.00 -0.97 19.59
C ILE B 275 -11.14 -1.66 18.50
N ALA B 276 -10.17 -2.47 18.91
CA ALA B 276 -9.35 -3.19 17.94
C ALA B 276 -10.26 -4.11 17.12
N ALA B 277 -11.20 -4.78 17.80
CA ALA B 277 -12.09 -5.71 17.13
C ALA B 277 -12.92 -4.93 16.12
N LEU B 278 -13.33 -3.73 16.52
CA LEU B 278 -14.19 -2.93 15.68
C LEU B 278 -13.46 -2.55 14.42
N ILE B 279 -12.15 -2.35 14.54
CA ILE B 279 -11.37 -1.99 13.39
C ILE B 279 -11.21 -3.25 12.52
N LEU B 280 -10.94 -4.38 13.18
CA LEU B 280 -10.72 -5.62 12.46
C LEU B 280 -11.93 -6.00 11.64
N THR B 281 -13.09 -5.97 12.29
CA THR B 281 -14.28 -6.32 11.58
C THR B 281 -14.50 -5.37 10.38
N VAL B 282 -14.23 -4.07 10.53
CA VAL B 282 -14.50 -3.21 9.38
C VAL B 282 -13.53 -3.55 8.28
N GLN B 283 -12.32 -3.93 8.66
CA GLN B 283 -11.35 -4.32 7.65
C GLN B 283 -11.79 -5.61 6.99
N THR B 284 -12.35 -6.50 7.80
CA THR B 284 -12.86 -7.74 7.26
C THR B 284 -13.92 -7.35 6.23
N VAL B 285 -14.76 -6.39 6.59
CA VAL B 285 -15.80 -5.88 5.69
C VAL B 285 -15.14 -5.38 4.39
N PHE B 286 -14.13 -4.52 4.56
CA PHE B 286 -13.43 -3.98 3.42
C PHE B 286 -12.93 -5.13 2.56
N PHE B 287 -12.34 -6.14 3.19
CA PHE B 287 -11.76 -7.19 2.37
C PHE B 287 -12.80 -7.89 1.50
N PHE B 288 -13.95 -8.20 2.09
CA PHE B 288 -14.94 -8.98 1.34
C PHE B 288 -15.44 -8.19 0.15
N ILE B 289 -15.42 -6.87 0.29
CA ILE B 289 -15.90 -6.03 -0.79
C ILE B 289 -14.96 -6.29 -1.97
N PHE B 290 -13.67 -6.18 -1.68
CA PHE B 290 -12.66 -6.40 -2.68
C PHE B 290 -12.84 -7.80 -3.30
N TYR B 291 -13.17 -8.78 -2.45
CA TYR B 291 -13.20 -10.17 -2.91
C TYR B 291 -14.39 -10.49 -3.78
N GLN B 292 -15.41 -9.66 -3.63
CA GLN B 292 -16.67 -9.89 -4.34
C GLN B 292 -16.57 -9.43 -5.77
N GLN B 293 -15.62 -8.52 -6.00
CA GLN B 293 -15.41 -7.93 -7.31
C GLN B 293 -15.13 -9.00 -8.36
N MET B 294 -14.37 -10.03 -7.98
CA MET B 294 -13.99 -11.06 -8.95
C MET B 294 -15.14 -11.91 -9.47
N SER B 295 -16.22 -12.02 -8.72
CA SER B 295 -17.40 -12.76 -9.17
C SER B 295 -18.37 -11.86 -9.90
N THR B 296 -18.22 -10.55 -9.64
CA THR B 296 -19.10 -9.50 -10.16
C THR B 296 -18.40 -8.64 -11.23
N SER B 297 -17.96 -7.45 -10.83
CA SER B 297 -17.38 -6.46 -11.74
C SER B 297 -16.19 -6.96 -12.58
N LEU B 298 -15.30 -7.73 -11.94
CA LEU B 298 -14.12 -8.30 -12.60
C LEU B 298 -14.50 -9.40 -13.58
N ALA B 299 -15.61 -10.07 -13.27
CA ALA B 299 -16.20 -11.11 -14.12
C ALA B 299 -16.85 -10.52 -15.38
N LEU B 300 -17.50 -9.37 -15.20
CA LEU B 300 -18.12 -8.59 -16.27
C LEU B 300 -17.04 -7.95 -17.16
N PHE B 301 -15.99 -7.46 -16.52
CA PHE B 301 -14.81 -6.94 -17.19
C PHE B 301 -14.23 -8.07 -18.05
N ALA B 302 -14.12 -9.27 -17.47
CA ALA B 302 -13.60 -10.40 -18.22
C ALA B 302 -14.52 -10.81 -19.39
N LEU B 303 -15.82 -10.60 -19.23
CA LEU B 303 -16.78 -10.92 -20.29
C LEU B 303 -16.67 -9.98 -21.47
N ARG B 304 -16.32 -8.73 -21.19
CA ARG B 304 -16.11 -7.74 -22.23
C ARG B 304 -14.67 -7.82 -22.78
N ASN B 305 -14.08 -9.01 -22.61
CA ASN B 305 -12.76 -9.44 -23.13
C ASN B 305 -12.61 -11.01 -23.06
N VAL B 306 -13.33 -11.73 -23.91
CA VAL B 306 -13.27 -13.19 -23.96
C VAL B 306 -11.89 -13.65 -24.50
N ASP B 307 -11.25 -12.76 -25.26
CA ASP B 307 -9.92 -12.95 -25.84
C ASP B 307 -8.95 -13.57 -24.88
N TRP B 308 -8.42 -14.73 -25.26
CA TRP B 308 -7.51 -15.50 -24.43
C TRP B 308 -6.42 -16.15 -25.32
N ASP B 309 -5.18 -16.17 -24.84
CA ASP B 309 -4.10 -16.88 -25.53
C ASP B 309 -4.10 -18.34 -25.00
N PHE B 310 -4.90 -19.17 -25.68
CA PHE B 310 -5.08 -20.61 -25.38
C PHE B 310 -4.20 -21.50 -26.26
N LEU B 317 -12.00 -24.61 -32.11
CA LEU B 317 -12.92 -24.14 -31.08
C LEU B 317 -12.17 -23.82 -29.77
N TRP B 318 -11.46 -24.83 -29.27
CA TRP B 318 -10.63 -24.72 -28.08
C TRP B 318 -11.43 -24.30 -26.83
N THR B 319 -10.70 -24.12 -25.72
CA THR B 319 -11.31 -23.65 -24.46
C THR B 319 -10.63 -22.31 -24.05
N TRP B 320 -11.39 -21.23 -24.19
CA TRP B 320 -10.94 -19.88 -23.78
C TRP B 320 -12.09 -19.00 -23.21
N SER B 321 -13.10 -19.64 -22.61
CA SER B 321 -14.31 -19.00 -22.05
C SER B 321 -14.02 -17.91 -21.03
N PRO B 322 -14.84 -16.84 -21.00
CA PRO B 322 -14.54 -15.78 -20.05
C PRO B 322 -14.88 -16.11 -18.60
N ALA B 323 -15.82 -17.00 -18.34
CA ALA B 323 -16.09 -17.38 -16.96
C ALA B 323 -14.93 -18.20 -16.38
N GLN B 324 -14.16 -18.81 -17.28
CA GLN B 324 -13.08 -19.70 -16.87
C GLN B 324 -11.99 -18.95 -16.13
N PHE B 325 -12.00 -17.62 -16.28
CA PHE B 325 -11.00 -16.74 -15.65
C PHE B 325 -11.13 -16.84 -14.14
N GLN B 326 -12.35 -17.12 -13.65
CA GLN B 326 -12.54 -17.23 -12.20
C GLN B 326 -11.78 -18.48 -11.68
N ALA B 327 -11.57 -19.44 -12.56
CA ALA B 327 -10.88 -20.64 -12.16
C ALA B 327 -9.44 -20.33 -11.78
N LEU B 328 -8.95 -19.14 -12.16
CA LEU B 328 -7.58 -18.80 -11.83
C LEU B 328 -7.41 -18.78 -10.33
N ASN B 329 -8.50 -18.46 -9.63
CA ASN B 329 -8.45 -18.34 -8.18
C ASN B 329 -8.05 -19.59 -7.39
N PRO B 330 -8.78 -20.71 -7.55
CA PRO B 330 -8.33 -21.93 -6.89
C PRO B 330 -6.99 -22.44 -7.44
N ILE B 331 -6.75 -22.26 -8.74
CA ILE B 331 -5.51 -22.76 -9.34
C ILE B 331 -4.30 -22.06 -8.73
N TRP B 332 -4.41 -20.75 -8.59
CA TRP B 332 -3.32 -20.01 -7.99
C TRP B 332 -3.15 -20.34 -6.51
N ILE B 333 -4.26 -20.51 -5.81
CA ILE B 333 -4.17 -20.86 -4.39
C ILE B 333 -3.41 -22.16 -4.18
N MET B 334 -3.70 -23.15 -5.02
CA MET B 334 -3.02 -24.43 -4.93
C MET B 334 -1.53 -24.33 -5.27
N VAL B 335 -1.17 -23.45 -6.19
CA VAL B 335 0.22 -23.33 -6.59
C VAL B 335 1.03 -22.42 -5.64
N LEU B 336 0.36 -21.50 -4.97
CA LEU B 336 1.04 -20.62 -4.03
C LEU B 336 1.05 -21.13 -2.57
N SER B 337 0.19 -22.07 -2.26
CA SER B 337 0.14 -22.64 -0.91
C SER B 337 1.42 -23.36 -0.45
N PRO B 338 2.02 -24.22 -1.30
CA PRO B 338 3.25 -24.89 -0.82
C PRO B 338 4.44 -23.94 -0.72
N VAL B 339 4.32 -22.80 -1.40
CA VAL B 339 5.36 -21.76 -1.35
C VAL B 339 5.32 -21.05 0.01
N LEU B 340 4.11 -20.69 0.46
CA LEU B 340 3.89 -20.04 1.75
C LEU B 340 4.11 -20.93 2.97
N ALA B 341 3.84 -22.22 2.80
CA ALA B 341 4.07 -23.17 3.89
C ALA B 341 5.55 -23.43 4.09
N TRP B 342 6.33 -23.28 3.02
CA TRP B 342 7.79 -23.49 3.05
C TRP B 342 8.58 -22.31 3.64
N SER B 343 8.35 -21.10 3.15
CA SER B 343 9.13 -19.95 3.60
C SER B 343 8.37 -19.22 4.68
N SER B 355 0.07 -9.06 16.61
CA SER B 355 1.41 -9.56 16.31
C SER B 355 1.56 -9.86 14.82
N ILE B 356 0.99 -10.97 14.36
CA ILE B 356 1.08 -11.36 12.94
C ILE B 356 -0.18 -10.86 12.24
N ALA B 357 -0.75 -9.78 12.76
CA ALA B 357 -1.94 -9.15 12.19
C ALA B 357 -1.51 -8.21 11.07
N ALA B 358 -0.20 -8.02 10.93
CA ALA B 358 0.38 -7.23 9.86
C ALA B 358 0.10 -7.92 8.51
N LYS B 359 -0.23 -9.21 8.58
CA LYS B 359 -0.59 -9.99 7.41
C LYS B 359 -1.86 -9.43 6.77
N PHE B 360 -2.65 -8.71 7.56
CA PHE B 360 -3.83 -8.04 7.01
C PHE B 360 -3.32 -6.96 6.08
N ALA B 361 -2.39 -6.15 6.59
CA ALA B 361 -1.86 -5.03 5.85
C ALA B 361 -1.25 -5.55 4.57
N LEU B 362 -0.36 -6.53 4.71
CA LEU B 362 0.29 -7.14 3.57
C LEU B 362 -0.77 -7.63 2.57
N GLY B 363 -1.82 -8.28 3.09
CA GLY B 363 -2.86 -8.82 2.24
C GLY B 363 -3.43 -7.68 1.44
N PHE B 364 -3.85 -6.61 2.12
CA PHE B 364 -4.44 -5.46 1.44
C PHE B 364 -3.45 -4.89 0.42
N ALA B 365 -2.19 -4.85 0.82
CA ALA B 365 -1.16 -4.27 -0.03
C ALA B 365 -1.06 -5.09 -1.32
N VAL B 366 -1.12 -6.42 -1.16
CA VAL B 366 -1.01 -7.33 -2.30
C VAL B 366 -2.27 -7.22 -3.15
N VAL B 367 -3.39 -7.02 -2.49
CA VAL B 367 -4.59 -6.83 -3.27
C VAL B 367 -4.50 -5.48 -4.00
N ALA B 368 -3.86 -4.51 -3.37
CA ALA B 368 -3.82 -3.17 -3.94
C ALA B 368 -3.23 -3.20 -5.35
N ILE B 369 -2.00 -3.72 -5.46
CA ILE B 369 -1.31 -3.81 -6.76
C ILE B 369 -2.07 -4.77 -7.70
N GLY B 370 -2.79 -5.71 -7.11
CA GLY B 370 -3.57 -6.61 -7.93
C GLY B 370 -4.54 -5.74 -8.72
N PHE B 371 -5.22 -4.81 -8.04
CA PHE B 371 -6.20 -3.96 -8.72
C PHE B 371 -5.49 -3.00 -9.70
N PHE B 372 -4.26 -2.62 -9.36
CA PHE B 372 -3.55 -1.68 -10.23
C PHE B 372 -3.15 -2.38 -11.48
N ILE B 373 -3.05 -3.70 -11.41
CA ILE B 373 -2.76 -4.45 -12.63
C ILE B 373 -3.93 -4.24 -13.61
N TYR B 374 -5.16 -4.32 -13.10
CA TYR B 374 -6.29 -4.05 -13.96
C TYR B 374 -6.35 -2.53 -14.21
N GLY B 375 -5.84 -1.74 -13.26
CA GLY B 375 -5.86 -0.29 -13.40
C GLY B 375 -5.05 0.17 -14.60
N PHE B 376 -3.86 -0.40 -14.77
CA PHE B 376 -2.99 -0.06 -15.87
C PHE B 376 -3.20 -1.01 -17.03
N ALA B 377 -4.33 -1.73 -17.04
CA ALA B 377 -4.55 -2.64 -18.16
C ALA B 377 -4.86 -1.89 -19.47
N GLY B 378 -5.51 -0.74 -19.33
CA GLY B 378 -5.93 0.05 -20.48
C GLY B 378 -4.80 0.67 -21.27
N GLN B 379 -3.66 0.87 -20.62
CA GLN B 379 -2.53 1.49 -21.26
C GLN B 379 -1.85 0.52 -22.23
N PHE B 380 -1.32 -0.58 -21.71
CA PHE B 380 -0.59 -1.59 -22.50
C PHE B 380 -1.48 -2.78 -22.88
N ALA B 381 -1.18 -3.36 -24.05
CA ALA B 381 -1.92 -4.51 -24.59
C ALA B 381 -3.40 -4.25 -24.79
N VAL B 382 -3.72 -3.34 -25.70
CA VAL B 382 -5.10 -2.99 -26.01
C VAL B 382 -5.39 -2.88 -27.51
N ASN B 383 -6.29 -3.72 -28.01
CA ASN B 383 -6.73 -3.67 -29.40
C ASN B 383 -8.24 -3.42 -29.42
N GLY B 384 -8.67 -2.27 -28.94
CA GLY B 384 -10.07 -2.05 -28.64
C GLY B 384 -10.31 -2.28 -27.15
N LYS B 385 -9.97 -3.49 -26.70
CA LYS B 385 -10.02 -3.90 -25.30
C LYS B 385 -9.41 -5.32 -25.26
N THR B 386 -8.15 -5.44 -24.83
CA THR B 386 -7.45 -6.74 -24.78
C THR B 386 -6.87 -7.08 -23.39
N SER B 387 -5.56 -7.22 -23.31
CA SER B 387 -4.88 -7.54 -22.04
C SER B 387 -5.33 -8.87 -21.43
N SER B 388 -4.89 -9.97 -22.02
CA SER B 388 -5.29 -11.33 -21.59
C SER B 388 -4.58 -11.83 -20.32
N TRP B 389 -3.29 -11.56 -20.26
CA TRP B 389 -2.47 -11.99 -19.13
C TRP B 389 -2.79 -11.18 -17.90
N VAL B 390 -3.45 -10.06 -18.12
CA VAL B 390 -3.78 -9.16 -17.03
C VAL B 390 -4.62 -9.89 -15.99
N MET B 391 -5.40 -10.85 -16.46
CA MET B 391 -6.24 -11.66 -15.58
C MET B 391 -5.44 -12.73 -14.81
N ILE B 392 -4.49 -13.35 -15.49
CA ILE B 392 -3.66 -14.35 -14.86
C ILE B 392 -2.87 -13.72 -13.68
N TRP B 393 -2.17 -12.63 -13.95
CA TRP B 393 -1.38 -12.00 -12.88
C TRP B 393 -2.30 -11.29 -11.85
N GLY B 394 -3.42 -10.73 -12.33
CA GLY B 394 -4.33 -10.06 -11.43
C GLY B 394 -4.85 -11.04 -10.40
N TYR B 395 -5.43 -12.15 -10.86
CA TYR B 395 -5.94 -13.20 -9.97
C TYR B 395 -4.83 -13.81 -9.10
N ALA B 396 -3.60 -13.85 -9.64
CA ALA B 396 -2.47 -14.30 -8.85
C ALA B 396 -2.35 -13.47 -7.55
N SER B 397 -2.48 -12.15 -7.71
CA SER B 397 -2.41 -11.26 -6.55
C SER B 397 -3.64 -11.35 -5.64
N TYR B 398 -4.79 -11.62 -6.24
CA TYR B 398 -6.00 -11.69 -5.44
C TYR B 398 -5.92 -12.90 -4.54
N SER B 399 -5.54 -14.04 -5.15
CA SER B 399 -5.47 -15.31 -4.45
C SER B 399 -4.41 -15.28 -3.32
N LEU B 400 -3.26 -14.65 -3.59
CA LEU B 400 -2.24 -14.53 -2.56
C LEU B 400 -2.72 -13.64 -1.41
N GLY B 401 -3.44 -12.57 -1.74
CA GLY B 401 -3.98 -11.73 -0.69
C GLY B 401 -4.99 -12.46 0.18
N GLU B 402 -5.81 -13.28 -0.46
CA GLU B 402 -6.81 -14.09 0.24
C GLU B 402 -6.10 -15.09 1.16
N LEU B 403 -5.00 -15.63 0.65
CA LEU B 403 -4.20 -16.64 1.33
C LEU B 403 -3.61 -16.07 2.62
N LEU B 404 -3.15 -14.83 2.59
CA LEU B 404 -2.56 -14.21 3.79
C LEU B 404 -3.52 -13.90 4.93
N VAL B 405 -4.77 -13.60 4.60
CA VAL B 405 -5.78 -13.31 5.62
C VAL B 405 -6.58 -14.55 6.03
N SER B 406 -5.89 -15.69 6.16
CA SER B 406 -6.52 -16.96 6.53
C SER B 406 -7.10 -16.97 7.95
N GLY B 407 -6.50 -16.21 8.86
CA GLY B 407 -6.97 -16.15 10.23
C GLY B 407 -8.16 -15.23 10.44
N LEU B 408 -9.23 -15.46 9.68
CA LEU B 408 -10.43 -14.63 9.72
C LEU B 408 -11.23 -14.79 11.02
N GLY B 409 -11.07 -15.96 11.66
CA GLY B 409 -11.81 -16.36 12.87
C GLY B 409 -12.41 -15.31 13.79
N LEU B 410 -13.70 -15.48 14.08
CA LEU B 410 -14.43 -14.53 14.93
C LEU B 410 -13.86 -14.41 16.36
N ALA B 411 -13.19 -15.47 16.82
CA ALA B 411 -12.58 -15.47 18.14
C ALA B 411 -11.25 -14.71 18.12
N MET B 412 -10.70 -14.54 16.92
CA MET B 412 -9.45 -13.82 16.73
C MET B 412 -9.60 -12.33 17.00
N ILE B 413 -10.72 -11.74 16.59
CA ILE B 413 -10.94 -10.30 16.75
C ILE B 413 -11.36 -9.85 18.16
N ALA B 414 -12.07 -10.71 18.89
CA ALA B 414 -12.52 -10.39 20.24
C ALA B 414 -11.41 -10.21 21.29
N ARG B 415 -10.22 -10.67 20.97
CA ARG B 415 -9.11 -10.63 21.92
C ARG B 415 -8.50 -9.25 21.92
N GLY B 422 -20.40 -9.49 25.90
CA GLY B 422 -18.97 -9.58 25.67
C GLY B 422 -18.57 -10.33 24.39
N GLY B 423 -19.00 -11.58 24.26
CA GLY B 423 -18.66 -12.39 23.10
C GLY B 423 -19.77 -12.45 22.07
N PHE B 424 -20.22 -11.27 21.62
CA PHE B 424 -21.26 -11.15 20.60
C PHE B 424 -20.70 -11.13 19.16
N MET B 425 -19.50 -11.67 18.97
CA MET B 425 -18.89 -11.70 17.64
C MET B 425 -19.31 -12.79 16.65
N MET B 426 -19.95 -13.84 17.13
CA MET B 426 -20.48 -14.88 16.22
C MET B 426 -21.76 -14.37 15.51
N GLY B 427 -22.28 -13.27 16.07
CA GLY B 427 -23.40 -12.57 15.49
C GLY B 427 -22.83 -11.36 14.78
N ALA B 428 -22.68 -10.25 15.52
CA ALA B 428 -22.27 -8.98 14.94
C ALA B 428 -21.20 -9.08 13.85
N TYR B 429 -20.15 -9.86 14.10
CA TYR B 429 -19.05 -10.02 13.14
C TYR B 429 -19.45 -10.86 11.93
N PHE B 430 -20.03 -12.04 12.18
CA PHE B 430 -20.46 -12.93 11.12
C PHE B 430 -21.46 -12.26 10.19
N VAL B 431 -22.46 -11.60 10.78
CA VAL B 431 -23.45 -10.86 10.01
C VAL B 431 -22.84 -9.66 9.28
N ALA B 432 -21.93 -8.93 9.93
CA ALA B 432 -21.25 -7.85 9.22
C ALA B 432 -20.54 -8.38 7.97
N SER B 433 -19.95 -9.56 8.12
CA SER B 433 -19.24 -10.28 7.06
C SER B 433 -20.19 -10.83 5.98
N GLY B 434 -21.46 -11.01 6.34
CA GLY B 434 -22.44 -11.34 5.33
C GLY B 434 -22.89 -10.08 4.57
N ILE B 435 -23.03 -8.98 5.31
CA ILE B 435 -23.47 -7.71 4.78
C ILE B 435 -22.51 -7.23 3.70
N SER B 436 -21.22 -7.40 3.99
CA SER B 436 -20.16 -6.97 3.06
C SER B 436 -20.25 -7.67 1.71
N GLN B 437 -20.80 -8.87 1.68
CA GLN B 437 -20.92 -9.59 0.42
C GLN B 437 -21.83 -8.83 -0.54
N TYR B 438 -22.87 -8.23 0.03
CA TYR B 438 -23.79 -7.36 -0.70
C TYR B 438 -23.11 -6.00 -1.01
N LEU B 439 -22.33 -5.52 -0.06
CA LEU B 439 -21.66 -4.27 -0.30
C LEU B 439 -20.71 -4.40 -1.46
N GLY B 440 -20.22 -5.62 -1.72
CA GLY B 440 -19.30 -5.87 -2.83
C GLY B 440 -19.96 -5.67 -4.17
N GLY B 441 -21.26 -5.94 -4.21
CA GLY B 441 -22.04 -5.72 -5.40
C GLY B 441 -22.37 -4.25 -5.57
N VAL B 442 -22.70 -3.55 -4.48
CA VAL B 442 -22.93 -2.12 -4.66
C VAL B 442 -21.66 -1.40 -5.11
N VAL B 443 -20.50 -1.93 -4.71
CA VAL B 443 -19.23 -1.39 -5.15
C VAL B 443 -18.96 -1.79 -6.59
N ALA B 444 -19.37 -3.01 -6.97
CA ALA B 444 -19.20 -3.47 -8.34
C ALA B 444 -20.07 -2.64 -9.28
N ASN B 445 -21.14 -2.07 -8.73
CA ASN B 445 -22.08 -1.24 -9.47
C ASN B 445 -21.53 0.10 -9.97
N PHE B 446 -20.36 0.47 -9.48
CA PHE B 446 -19.67 1.68 -9.93
C PHE B 446 -19.07 1.52 -11.32
N ALA B 447 -18.90 0.29 -11.74
CA ALA B 447 -18.43 -0.04 -13.10
C ALA B 447 -19.57 -0.70 -13.94
N SER B 448 -20.80 -0.32 -13.67
CA SER B 448 -21.92 -0.85 -14.40
C SER B 448 -22.07 -0.20 -15.76
N VAL B 449 -21.88 -1.00 -16.80
CA VAL B 449 -22.05 -0.57 -18.18
C VAL B 449 -23.51 -0.65 -18.64
N PRO B 450 -24.05 0.48 -19.15
CA PRO B 450 -25.44 0.45 -19.61
C PRO B 450 -25.61 -0.62 -20.68
N GLN B 451 -26.78 -1.22 -20.74
CA GLN B 451 -27.03 -2.24 -21.73
C GLN B 451 -26.84 -1.75 -23.20
N ASP B 452 -27.11 -0.47 -23.50
CA ASP B 452 -26.96 0.06 -24.88
C ASP B 452 -25.51 0.36 -25.33
N LEU B 453 -24.59 0.28 -24.38
CA LEU B 453 -23.16 0.47 -24.63
C LEU B 453 -22.43 -0.84 -24.82
N VAL B 454 -22.09 -1.14 -26.06
CA VAL B 454 -21.46 -2.41 -26.35
C VAL B 454 -20.02 -2.21 -26.80
N ASP B 455 -19.69 -0.98 -27.22
CA ASP B 455 -18.32 -0.57 -27.69
C ASP B 455 -17.22 -0.73 -26.62
N PRO B 456 -16.30 -1.68 -26.82
CA PRO B 456 -15.32 -2.04 -25.80
C PRO B 456 -14.32 -0.94 -25.50
N LEU B 457 -14.14 -0.06 -26.50
CA LEU B 457 -13.27 1.12 -26.38
C LEU B 457 -13.79 2.08 -25.27
N GLN B 458 -15.10 2.05 -25.04
CA GLN B 458 -15.75 2.89 -24.03
C GLN B 458 -15.97 2.13 -22.73
N THR B 459 -16.15 0.81 -22.80
CA THR B 459 -16.36 0.00 -21.59
C THR B 459 -15.08 -0.09 -20.79
N LEU B 460 -13.96 -0.18 -21.49
CA LEU B 460 -12.67 -0.32 -20.84
C LEU B 460 -12.40 0.69 -19.69
N PRO B 461 -12.54 2.01 -19.96
CA PRO B 461 -12.25 3.04 -18.94
C PRO B 461 -13.09 2.92 -17.69
N VAL B 462 -14.34 2.54 -17.90
CA VAL B 462 -15.26 2.44 -16.81
C VAL B 462 -14.73 1.45 -15.82
N TYR B 463 -14.29 0.30 -16.32
CA TYR B 463 -13.77 -0.76 -15.48
C TYR B 463 -12.43 -0.36 -14.83
N THR B 464 -11.50 0.15 -15.64
CA THR B 464 -10.19 0.50 -15.10
C THR B 464 -10.30 1.55 -14.02
N ASN B 465 -11.20 2.51 -14.20
CA ASN B 465 -11.38 3.56 -13.19
C ASN B 465 -11.82 3.04 -11.85
N LEU B 466 -12.62 1.99 -11.88
CA LEU B 466 -13.01 1.35 -10.64
C LEU B 466 -11.80 0.68 -10.05
N PHE B 467 -11.16 -0.14 -10.85
CA PHE B 467 -10.01 -0.88 -10.35
C PHE B 467 -8.86 -0.01 -9.88
N ASN B 468 -8.74 1.17 -10.48
CA ASN B 468 -7.69 2.12 -10.13
C ASN B 468 -8.08 2.77 -8.81
N LYS B 469 -9.38 2.94 -8.60
CA LYS B 469 -9.86 3.54 -7.37
C LYS B 469 -9.79 2.53 -6.22
N LEU B 470 -10.20 1.31 -6.52
CA LEU B 470 -10.24 0.27 -5.50
C LEU B 470 -8.83 -0.09 -5.02
N GLY B 471 -7.85 0.06 -5.90
CA GLY B 471 -6.48 -0.21 -5.55
C GLY B 471 -6.02 0.83 -4.55
N VAL B 472 -6.41 2.08 -4.81
CA VAL B 472 -6.07 3.19 -3.92
C VAL B 472 -6.74 2.97 -2.55
N ALA B 473 -7.99 2.51 -2.60
CA ALA B 473 -8.74 2.18 -1.39
C ALA B 473 -8.12 1.02 -0.59
N ALA B 474 -7.55 0.05 -1.30
CA ALA B 474 -6.87 -1.07 -0.62
C ALA B 474 -5.54 -0.65 0.07
N VAL B 475 -4.91 0.40 -0.46
CA VAL B 475 -3.72 0.97 0.19
C VAL B 475 -4.13 1.72 1.47
N VAL B 476 -5.33 2.30 1.43
CA VAL B 476 -5.92 2.95 2.58
C VAL B 476 -6.09 1.97 3.74
N CYS B 477 -6.59 0.78 3.42
CA CYS B 477 -6.73 -0.30 4.40
C CYS B 477 -5.37 -0.78 4.97
N THR B 478 -4.37 -0.77 4.09
CA THR B 478 -3.02 -1.16 4.44
C THR B 478 -2.51 -0.25 5.54
N ILE B 479 -2.80 1.03 5.42
CA ILE B 479 -2.43 2.00 6.44
C ILE B 479 -3.18 1.76 7.75
N ILE B 480 -4.48 1.49 7.59
CA ILE B 480 -5.39 1.24 8.70
C ILE B 480 -4.93 0.08 9.59
N ALA B 481 -4.54 -1.01 8.95
CA ALA B 481 -4.08 -2.23 9.63
C ALA B 481 -2.84 -2.02 10.50
N LEU B 482 -1.95 -1.13 10.06
CA LEU B 482 -0.72 -0.87 10.79
C LEU B 482 -0.90 0.25 11.81
N ALA B 483 -1.88 1.10 11.59
CA ALA B 483 -2.18 2.18 12.52
C ALA B 483 -2.83 1.61 13.78
N VAL B 484 -3.52 0.49 13.60
CA VAL B 484 -4.22 -0.18 14.68
C VAL B 484 -3.36 -1.25 15.32
N LEU B 485 -2.16 -1.44 14.76
CA LEU B 485 -1.17 -2.38 15.34
C LEU B 485 -0.76 -2.11 16.81
N PRO B 486 -0.51 -0.83 17.16
CA PRO B 486 -0.14 -0.57 18.56
C PRO B 486 -1.21 -0.92 19.58
N LEU B 487 -2.47 -0.93 19.13
CA LEU B 487 -3.59 -1.30 19.98
C LEU B 487 -3.64 -2.80 20.27
N MET B 488 -3.08 -3.58 19.35
CA MET B 488 -2.91 -5.02 19.52
C MET B 488 -1.70 -5.28 20.43
N ARG B 489 -0.68 -4.42 20.31
CA ARG B 489 0.50 -4.52 21.20
C ARG B 489 0.20 -4.15 22.67
N ARG B 490 -0.77 -3.25 22.87
CA ARG B 490 -1.15 -2.80 24.21
C ARG B 490 -1.81 -3.88 25.10
N LEU B 491 -2.76 -4.62 24.54
CA LEU B 491 -3.48 -5.64 25.29
C LEU B 491 -2.61 -6.82 25.72
#